data_8E8Y
#
_entry.id   8E8Y
#
_cell.length_a   1.00
_cell.length_b   1.00
_cell.length_c   1.00
_cell.angle_alpha   90.00
_cell.angle_beta   90.00
_cell.angle_gamma   90.00
#
_symmetry.space_group_name_H-M   'P 1'
#
loop_
_entity.id
_entity.type
_entity.pdbx_description
1 polymer 'Capsid protein VP1'
2 polymer 'Capsid protein VP2'
3 polymer 'Capsid protein VP3'
4 polymer 'Capsid protein VP4'
5 polymer '9H2 Fab heavy chain'
6 polymer '9H2 Fab light chain'
7 non-polymer 'PALMITIC ACID'
#
loop_
_entity_poly.entity_id
_entity_poly.type
_entity_poly.pdbx_seq_one_letter_code
_entity_poly.pdbx_strand_id
1 'polypeptide(L)'
;NSLPDTKPSGPAHSKEIPALTAVETGATNPLVPSDTVQTRHVIQRRTRSESTVESFFARGACVAIIEVDNDAPTKRASRL
FSVWKITYKDTVQLRRKLEFFTYSRFDMEFTFVVTSNYIDANNGHALNQVYQIMYIPPGAPIPGKWNDYTWQTSSNPSVF
YTYGAPPARISVPYVGIANAYSHFYDGFAKVPLAGQASTEGDSLYGAASLNDFGSLAVRVVNDHNPTRLTSKIRVYMKPK
HVRVWCPRPPRAVPYFGPGVDYKDGLTPLPEKGLTTY
;
1
2 'polypeptide(L)'
;SVRVMQLTLGNSTITTQEAANSVVAYGRWPEYIRDTEANPVDQPTEPDVAACRFYTLDTVTWRKESRGWWWKLPDALKDM
GLFGQNMFYHYLGRAGYTVHVQCNASKFHQGALGVFAVPEMCLAGDSTTHMFTKYENANPGEKGGEFKGSFTLDTNATNP
ARNFCPVDYLFGSGVLVGNAFVYPHQIINLRTNNCATLVLPYVNSLSIDSMTKHNNWGIAILPLAPLDFATESSTEIPIT
LTIAPMCCEFNGLRNITVPRTQ
;
2
3 'polypeptide(L)'
;GLPVLNTPGSNQYLTADNYQSPCAIPEFDVTPPIDIPGEVRNMMELAEIDTMIPLNLTSQRKNTMDMYRVELSDTAHSDT
PILCLSLSPASDPRLAHTMLGEILNYYTHWAGSLKFTFLFCGSMMATGKLLVSYAPPGAEAPKSRKEAMLGTHVIWDIGL
QSSCTMVVPWISNTTYRQTINDSFTEGGYISMFYQTRVVVPLSTPRKMDILGFVSACNDFSVRLLRDTTHISQEA
;
3
4 'polypeptide(L)' GAQVSSQKVGAHENSNRAYGGSTINYTTINYYRDSASNAASKQDFAQDPSKFTEPIKDVLIKTAPMLN 4
5 'polypeptide(L)'
;VQSGAELKKPGASVKFSCQASGFTFTTYDIHWVRQAPGQGLEWMGMISPSRDSTIYAQKFQGRVTMTSDTSTSTVYMELT
SLRSEDTALYYCATASRPSAWVFRSLYTYYYMDVWGTGTTVTVSS
;
H
6 'polypeptide(L)'
;SALTQPASVSGSPGQSITISCTGTITDIGYYNYVSWYQQHPGKAPKLIIFDVTNRPSGVSDRFSGSKSGNTASLTISGLQ
AEDEGDYYCFSHRSNNIRVFGGGTKLTVL
;
L
#
loop_
_chem_comp.id
_chem_comp.type
_chem_comp.name
_chem_comp.formula
PLM non-polymer 'PALMITIC ACID' 'C16 H32 O2'
#
# COMPACT_ATOMS: atom_id res chain seq x y z
N ASN A 1 31.66 -1.97 10.08
CA ASN A 1 32.75 -2.92 9.89
C ASN A 1 32.73 -3.47 8.47
N SER A 2 33.81 -4.14 8.07
CA SER A 2 33.89 -4.67 6.73
C SER A 2 33.17 -6.01 6.64
N LEU A 3 32.92 -6.42 5.40
CA LEU A 3 32.33 -7.71 5.10
C LEU A 3 33.34 -8.82 5.36
N PRO A 4 32.88 -10.06 5.60
CA PRO A 4 33.82 -11.17 5.79
C PRO A 4 34.62 -11.52 4.55
N ASP A 5 35.86 -11.92 4.79
CA ASP A 5 36.82 -12.16 3.73
C ASP A 5 36.55 -13.50 3.05
N THR A 6 36.94 -13.57 1.78
CA THR A 6 36.81 -14.80 1.00
C THR A 6 37.99 -15.69 1.35
N LYS A 7 37.73 -16.77 2.06
CA LYS A 7 38.76 -17.73 2.44
C LYS A 7 39.17 -18.58 1.23
N PRO A 8 40.45 -18.95 1.14
CA PRO A 8 40.88 -19.82 0.02
C PRO A 8 40.38 -21.24 0.19
N SER A 9 40.00 -21.84 -0.93
CA SER A 9 39.46 -23.20 -0.96
C SER A 9 40.06 -23.98 -2.11
N GLY A 10 40.38 -25.25 -1.85
CA GLY A 10 40.90 -26.13 -2.85
C GLY A 10 39.82 -27.03 -3.42
N PRO A 11 40.21 -28.06 -4.16
CA PRO A 11 39.22 -29.02 -4.67
C PRO A 11 38.68 -29.91 -3.56
N ALA A 12 37.45 -30.40 -3.76
CA ALA A 12 36.76 -31.19 -2.75
C ALA A 12 36.20 -32.46 -3.36
N HIS A 13 36.30 -33.56 -2.60
CA HIS A 13 35.70 -34.83 -2.95
C HIS A 13 35.32 -35.49 -1.62
N SER A 14 34.07 -35.30 -1.20
CA SER A 14 33.65 -35.76 0.12
C SER A 14 32.14 -35.96 0.12
N LYS A 15 31.62 -36.36 1.28
CA LYS A 15 30.19 -36.54 1.52
C LYS A 15 29.45 -35.25 1.76
N GLU A 16 30.16 -34.14 1.96
CA GLU A 16 29.51 -32.85 2.18
C GLU A 16 28.86 -32.35 0.90
N ILE A 17 27.61 -31.94 1.00
CA ILE A 17 26.87 -31.43 -0.15
C ILE A 17 26.30 -30.06 0.16
N PRO A 18 27.09 -28.98 0.05
CA PRO A 18 26.53 -27.64 0.23
C PRO A 18 25.67 -27.18 -0.92
N ALA A 19 25.86 -27.72 -2.12
CA ALA A 19 25.08 -27.28 -3.27
C ALA A 19 23.65 -27.79 -3.21
N LEU A 20 23.42 -28.97 -2.64
CA LEU A 20 22.08 -29.53 -2.56
C LEU A 20 21.35 -28.98 -1.33
N THR A 21 20.08 -28.65 -1.52
CA THR A 21 19.29 -27.94 -0.52
C THR A 21 17.83 -28.31 -0.70
N ALA A 22 16.97 -27.68 0.11
CA ALA A 22 15.53 -27.92 0.05
C ALA A 22 14.83 -26.63 0.48
N VAL A 23 14.25 -25.91 -0.50
CA VAL A 23 13.56 -24.64 -0.24
C VAL A 23 12.13 -24.86 0.26
N GLU A 24 11.72 -26.12 0.34
CA GLU A 24 10.46 -26.47 1.02
C GLU A 24 10.53 -26.21 2.51
N THR A 25 11.73 -26.26 3.10
CA THR A 25 11.90 -26.00 4.52
C THR A 25 11.77 -24.52 4.87
N GLY A 26 11.78 -23.63 3.89
CA GLY A 26 11.59 -22.22 4.16
C GLY A 26 12.85 -21.46 4.50
N ALA A 27 14.02 -22.01 4.22
CA ALA A 27 15.29 -21.36 4.51
C ALA A 27 16.09 -21.13 3.25
N THR A 28 16.85 -20.05 3.28
CA THR A 28 17.84 -19.78 2.25
C THR A 28 19.10 -20.59 2.55
N ASN A 29 19.64 -21.24 1.52
CA ASN A 29 20.93 -21.92 1.62
C ASN A 29 22.03 -20.90 1.84
N PRO A 30 22.77 -20.95 2.95
CA PRO A 30 23.73 -19.88 3.30
C PRO A 30 25.09 -20.06 2.65
N LEU A 31 25.12 -20.10 1.33
CA LEU A 31 26.33 -20.47 0.62
C LEU A 31 27.23 -19.28 0.35
N VAL A 32 28.53 -19.56 0.33
CA VAL A 32 29.58 -18.63 -0.05
C VAL A 32 30.23 -19.22 -1.29
N PRO A 33 30.96 -18.41 -2.08
CA PRO A 33 31.62 -18.96 -3.29
C PRO A 33 32.69 -20.03 -3.07
N SER A 34 33.24 -20.17 -1.86
CA SER A 34 34.18 -21.27 -1.59
C SER A 34 33.49 -22.62 -1.47
N ASP A 35 32.17 -22.66 -1.34
CA ASP A 35 31.44 -23.92 -1.27
C ASP A 35 31.18 -24.54 -2.64
N THR A 36 31.42 -23.81 -3.72
CA THR A 36 31.09 -24.32 -5.04
C THR A 36 32.27 -24.32 -6.00
N VAL A 37 33.06 -23.25 -6.01
CA VAL A 37 34.23 -23.14 -6.88
C VAL A 37 35.45 -22.92 -6.01
N GLN A 38 36.62 -23.10 -6.62
CA GLN A 38 37.88 -22.78 -5.94
C GLN A 38 38.07 -21.27 -5.90
N THR A 39 38.45 -20.77 -4.73
CA THR A 39 38.54 -19.33 -4.50
C THR A 39 39.93 -18.99 -4.00
N ARG A 40 40.34 -17.74 -4.24
CA ARG A 40 41.56 -17.20 -3.68
C ARG A 40 41.25 -16.42 -2.40
N HIS A 41 42.30 -16.02 -1.70
CA HIS A 41 42.13 -15.20 -0.51
C HIS A 41 41.98 -13.74 -0.90
N VAL A 42 40.82 -13.17 -0.57
CA VAL A 42 40.49 -11.79 -0.87
C VAL A 42 40.18 -11.07 0.44
N ILE A 43 40.94 -10.02 0.74
CA ILE A 43 40.64 -9.15 1.87
C ILE A 43 39.60 -8.13 1.41
N GLN A 44 38.38 -8.22 1.95
CA GLN A 44 37.29 -7.36 1.52
C GLN A 44 37.21 -6.13 2.39
N ARG A 45 37.21 -4.96 1.75
CA ARG A 45 37.10 -3.69 2.45
C ARG A 45 35.77 -2.99 2.20
N ARG A 46 34.84 -3.65 1.52
CA ARG A 46 33.53 -3.06 1.28
C ARG A 46 32.67 -3.13 2.54
N THR A 47 31.82 -2.12 2.71
CA THR A 47 30.94 -2.00 3.87
C THR A 47 29.50 -1.86 3.39
N ARG A 48 28.58 -2.17 4.29
CA ARG A 48 27.14 -2.02 4.05
C ARG A 48 26.58 -0.78 4.72
N SER A 49 27.33 0.33 4.71
CA SER A 49 26.95 1.51 5.46
C SER A 49 25.82 2.28 4.79
N GLU A 50 25.84 2.38 3.46
CA GLU A 50 24.81 3.09 2.73
C GLU A 50 23.50 2.29 2.66
N SER A 51 23.57 0.99 2.89
CA SER A 51 22.40 0.12 2.80
C SER A 51 21.63 0.00 4.11
N THR A 52 21.99 0.78 5.13
CA THR A 52 21.24 0.80 6.37
C THR A 52 19.90 1.50 6.18
N VAL A 53 18.98 1.26 7.12
CA VAL A 53 17.64 1.82 7.03
C VAL A 53 17.65 3.33 7.28
N GLU A 54 18.57 3.80 8.13
CA GLU A 54 18.74 5.24 8.34
C GLU A 54 19.27 5.94 7.10
N SER A 55 20.20 5.29 6.39
CA SER A 55 20.69 5.87 5.13
C SER A 55 19.69 5.70 4.00
N PHE A 56 18.81 4.69 4.09
CA PHE A 56 17.75 4.52 3.11
C PHE A 56 16.69 5.59 3.26
N PHE A 57 16.39 6.01 4.48
CA PHE A 57 15.39 7.05 4.72
C PHE A 57 15.99 8.41 5.02
N ALA A 58 17.25 8.65 4.65
CA ALA A 58 17.92 9.91 4.97
C ALA A 58 17.52 11.06 4.07
N ARG A 59 16.83 10.81 2.97
CA ARG A 59 16.50 11.85 2.00
C ARG A 59 15.06 12.30 2.20
N GLY A 60 14.83 13.61 2.19
CA GLY A 60 13.49 14.13 2.26
C GLY A 60 12.71 13.93 0.97
N ALA A 61 11.39 13.99 1.09
CA ALA A 61 10.50 13.76 -0.04
C ALA A 61 9.30 14.69 0.06
N CYS A 62 8.83 15.14 -1.09
CA CYS A 62 7.67 16.04 -1.15
C CYS A 62 6.40 15.25 -0.89
N VAL A 63 5.57 15.75 0.03
CA VAL A 63 4.32 15.08 0.38
C VAL A 63 3.09 15.91 0.04
N ALA A 64 3.20 17.22 -0.11
CA ALA A 64 2.05 18.05 -0.41
C ALA A 64 2.46 19.30 -1.17
N ILE A 65 1.53 19.84 -1.95
CA ILE A 65 1.64 21.16 -2.54
C ILE A 65 0.38 21.91 -2.13
N ILE A 66 0.51 22.82 -1.17
CA ILE A 66 -0.61 23.56 -0.60
C ILE A 66 -0.64 24.94 -1.24
N GLU A 67 -1.80 25.33 -1.76
CA GLU A 67 -1.91 26.54 -2.56
C GLU A 67 -2.76 27.58 -1.84
N VAL A 68 -2.21 28.79 -1.69
CA VAL A 68 -2.91 29.90 -1.08
C VAL A 68 -2.86 31.10 -2.03
N ASP A 69 -3.81 32.01 -1.86
CA ASP A 69 -3.88 33.22 -2.66
C ASP A 69 -3.95 34.43 -1.76
N ASN A 70 -3.44 35.55 -2.26
CA ASN A 70 -3.60 36.86 -1.63
C ASN A 70 -4.36 37.76 -2.59
N ASP A 71 -5.54 38.19 -2.18
CA ASP A 71 -6.48 38.87 -3.06
C ASP A 71 -7.48 39.61 -2.17
N ALA A 72 -8.22 40.53 -2.76
CA ALA A 72 -9.38 41.12 -2.11
C ALA A 72 -10.45 40.05 -1.91
N PRO A 73 -11.07 39.95 -0.74
CA PRO A 73 -12.07 38.91 -0.51
C PRO A 73 -13.41 39.17 -1.16
N THR A 74 -13.62 40.33 -1.81
CA THR A 74 -14.91 40.65 -2.39
C THR A 74 -15.10 40.08 -3.80
N LYS A 75 -14.03 39.67 -4.49
CA LYS A 75 -14.17 39.23 -5.87
C LYS A 75 -13.63 37.82 -6.05
N ARG A 76 -14.40 37.01 -6.78
CA ARG A 76 -14.06 35.73 -7.40
C ARG A 76 -13.73 34.59 -6.41
N ALA A 77 -13.90 34.82 -5.10
CA ALA A 77 -13.72 33.85 -4.00
C ALA A 77 -12.32 33.21 -4.02
N SER A 78 -11.31 34.02 -3.76
CA SER A 78 -9.96 33.50 -3.77
C SER A 78 -9.67 32.72 -2.49
N ARG A 79 -8.70 31.82 -2.58
CA ARG A 79 -8.30 30.97 -1.47
C ARG A 79 -7.36 31.75 -0.56
N LEU A 80 -7.95 32.50 0.37
CA LEU A 80 -7.15 33.28 1.32
C LEU A 80 -6.49 32.40 2.37
N PHE A 81 -6.99 31.18 2.58
CA PHE A 81 -6.36 30.20 3.45
C PHE A 81 -6.71 28.81 2.94
N SER A 82 -5.87 27.84 3.27
CA SER A 82 -6.15 26.47 2.86
C SER A 82 -5.59 25.49 3.89
N VAL A 83 -6.30 24.38 4.06
CA VAL A 83 -6.03 23.37 5.09
C VAL A 83 -5.71 22.05 4.41
N TRP A 84 -4.64 21.38 4.86
CA TRP A 84 -4.22 20.10 4.31
C TRP A 84 -4.10 19.08 5.42
N LYS A 85 -4.80 17.95 5.28
CA LYS A 85 -4.72 16.86 6.25
C LYS A 85 -3.45 16.05 6.02
N ILE A 86 -2.73 15.79 7.10
CA ILE A 86 -1.36 15.26 7.02
C ILE A 86 -1.39 13.77 6.72
N THR A 87 -0.83 13.38 5.57
CA THR A 87 -0.64 11.99 5.19
C THR A 87 0.53 11.91 4.23
N TYR A 88 1.11 10.71 4.12
CA TYR A 88 2.15 10.49 3.12
C TYR A 88 1.63 9.83 1.86
N LYS A 89 0.38 9.38 1.84
CA LYS A 89 -0.07 8.43 0.83
C LYS A 89 -0.43 9.07 -0.51
N ASP A 90 -0.41 10.39 -0.65
CA ASP A 90 -0.77 11.00 -1.91
C ASP A 90 0.39 11.19 -2.87
N THR A 91 1.63 10.95 -2.43
CA THR A 91 2.80 10.91 -3.29
C THR A 91 3.41 9.52 -3.23
N VAL A 92 3.81 8.99 -4.40
CA VAL A 92 4.02 7.55 -4.50
C VAL A 92 5.40 7.07 -4.05
N GLN A 93 6.42 7.93 -4.07
CA GLN A 93 7.79 7.46 -3.85
C GLN A 93 8.08 7.19 -2.38
N LEU A 94 7.77 8.14 -1.50
CA LEU A 94 7.92 7.93 -0.07
C LEU A 94 6.94 6.90 0.46
N ARG A 95 5.76 6.80 -0.16
CA ARG A 95 4.79 5.77 0.18
C ARG A 95 5.31 4.38 -0.14
N ARG A 96 5.97 4.23 -1.31
CA ARG A 96 6.55 2.93 -1.67
C ARG A 96 7.72 2.56 -0.77
N LYS A 97 8.57 3.54 -0.43
CA LYS A 97 9.70 3.30 0.47
C LYS A 97 9.23 2.94 1.89
N LEU A 98 8.14 3.55 2.34
CA LEU A 98 7.59 3.21 3.65
C LEU A 98 6.87 1.87 3.63
N GLU A 99 6.15 1.58 2.54
CA GLU A 99 5.40 0.34 2.39
C GLU A 99 6.26 -0.82 1.92
N PHE A 100 7.58 -0.65 1.86
CA PHE A 100 8.50 -1.78 2.00
C PHE A 100 8.32 -2.52 3.33
N PHE A 101 7.93 -1.81 4.39
CA PHE A 101 7.77 -2.38 5.72
C PHE A 101 6.35 -2.18 6.24
N THR A 102 6.02 -2.94 7.29
CA THR A 102 4.71 -2.87 7.93
C THR A 102 4.69 -1.87 9.07
N TYR A 103 5.60 -2.00 10.03
CA TYR A 103 5.61 -1.17 11.21
C TYR A 103 6.87 -0.31 11.22
N SER A 104 6.72 0.90 11.73
CA SER A 104 7.84 1.84 11.75
C SER A 104 7.70 2.81 12.91
N ARG A 105 8.82 3.40 13.28
CA ARG A 105 8.90 4.30 14.43
C ARG A 105 10.08 5.23 14.20
N PHE A 106 9.80 6.50 13.97
CA PHE A 106 10.86 7.46 13.68
C PHE A 106 10.43 8.85 14.13
N ASP A 107 11.43 9.70 14.30
CA ASP A 107 11.20 11.13 14.35
C ASP A 107 11.14 11.68 12.94
N MET A 108 10.52 12.84 12.79
CA MET A 108 10.27 13.40 11.48
C MET A 108 10.66 14.87 11.46
N GLU A 109 11.32 15.28 10.38
CA GLU A 109 11.75 16.66 10.16
C GLU A 109 11.01 17.21 8.95
N PHE A 110 10.33 18.34 9.14
CA PHE A 110 9.56 18.98 8.08
C PHE A 110 10.37 20.13 7.48
N THR A 111 10.16 20.37 6.18
CA THR A 111 10.77 21.50 5.50
C THR A 111 9.77 22.09 4.52
N PHE A 112 9.63 23.41 4.53
CA PHE A 112 8.61 24.12 3.76
C PHE A 112 9.28 25.07 2.78
N VAL A 113 9.01 24.88 1.49
CA VAL A 113 9.55 25.73 0.43
C VAL A 113 8.39 26.49 -0.20
N VAL A 114 8.48 27.83 -0.19
CA VAL A 114 7.39 28.70 -0.61
C VAL A 114 7.82 29.46 -1.86
N THR A 115 6.97 29.45 -2.89
CA THR A 115 7.16 30.20 -4.13
C THR A 115 5.93 31.04 -4.40
N SER A 116 6.13 32.25 -4.93
CA SER A 116 5.04 33.15 -5.24
C SER A 116 5.10 33.60 -6.69
N ASN A 117 3.95 34.05 -7.20
CA ASN A 117 3.82 34.35 -8.61
C ASN A 117 2.76 35.43 -8.81
N TYR A 118 2.97 36.26 -9.82
CA TYR A 118 1.99 37.27 -10.22
C TYR A 118 1.06 36.70 -11.26
N ILE A 119 -0.24 36.93 -11.10
CA ILE A 119 -1.21 36.54 -12.12
C ILE A 119 -1.13 37.51 -13.30
N ASP A 120 -1.14 38.81 -13.01
CA ASP A 120 -0.98 39.83 -14.04
C ASP A 120 -0.27 41.00 -13.39
N ALA A 121 0.93 41.32 -13.86
CA ALA A 121 1.75 42.36 -13.27
C ALA A 121 1.32 43.77 -13.67
N ASN A 122 0.37 43.91 -14.60
CA ASN A 122 -0.09 45.22 -15.02
C ASN A 122 -1.00 45.90 -14.00
N ASN A 123 -1.50 45.17 -12.99
CA ASN A 123 -2.38 45.78 -12.01
C ASN A 123 -1.65 46.55 -10.92
N GLY A 124 -0.35 46.34 -10.74
CA GLY A 124 0.39 47.06 -9.73
C GLY A 124 1.54 46.22 -9.20
N HIS A 125 1.88 46.43 -7.94
CA HIS A 125 2.96 45.72 -7.28
C HIS A 125 2.54 45.36 -5.86
N ALA A 126 3.30 44.46 -5.23
CA ALA A 126 3.00 44.00 -3.89
C ALA A 126 4.29 43.81 -3.11
N LEU A 127 4.18 43.87 -1.79
CA LEU A 127 5.32 43.86 -0.89
C LEU A 127 5.69 42.43 -0.50
N ASN A 128 6.64 42.30 0.42
CA ASN A 128 7.08 40.97 0.87
C ASN A 128 6.03 40.36 1.79
N GLN A 129 5.69 39.11 1.54
CA GLN A 129 4.61 38.46 2.26
C GLN A 129 5.15 37.63 3.41
N VAL A 130 4.32 37.50 4.45
CA VAL A 130 4.61 36.66 5.60
C VAL A 130 3.57 35.53 5.62
N TYR A 131 4.05 34.30 5.75
CA TYR A 131 3.20 33.11 5.69
C TYR A 131 3.15 32.46 7.06
N GLN A 132 1.95 32.12 7.51
CA GLN A 132 1.73 31.45 8.77
C GLN A 132 1.34 30.00 8.53
N ILE A 133 2.07 29.08 9.13
CA ILE A 133 1.79 27.65 9.03
C ILE A 133 1.36 27.17 10.40
N MET A 134 0.08 26.89 10.56
CA MET A 134 -0.48 26.55 11.86
C MET A 134 -0.78 25.06 11.92
N TYR A 135 -0.29 24.39 12.95
CA TYR A 135 -0.61 22.99 13.19
C TYR A 135 -1.96 22.90 13.88
N ILE A 136 -2.84 22.06 13.34
CA ILE A 136 -4.11 21.77 13.99
C ILE A 136 -4.08 20.32 14.43
N PRO A 137 -3.90 20.03 15.72
CA PRO A 137 -4.03 18.65 16.21
C PRO A 137 -5.48 18.17 16.12
N PRO A 138 -5.72 16.86 16.10
CA PRO A 138 -7.11 16.36 15.96
C PRO A 138 -7.96 16.65 17.19
N GLY A 139 -9.05 17.39 16.96
CA GLY A 139 -9.88 17.92 18.02
C GLY A 139 -9.84 19.43 18.13
N ALA A 140 -8.76 20.06 17.66
CA ALA A 140 -8.66 21.51 17.67
C ALA A 140 -9.58 22.09 16.59
N PRO A 141 -10.09 23.32 16.79
CA PRO A 141 -10.99 23.90 15.79
C PRO A 141 -10.30 24.28 14.49
N ILE A 142 -11.08 24.25 13.42
CA ILE A 142 -10.62 24.54 12.06
C ILE A 142 -10.97 25.99 11.78
N PRO A 143 -10.08 26.77 11.17
CA PRO A 143 -10.44 28.14 10.77
C PRO A 143 -11.48 28.15 9.66
N GLY A 144 -12.37 29.14 9.71
CA GLY A 144 -13.38 29.31 8.68
C GLY A 144 -13.11 30.51 7.81
N LYS A 145 -12.36 31.47 8.33
CA LYS A 145 -11.96 32.67 7.59
C LYS A 145 -10.47 32.87 7.81
N TRP A 146 -9.89 33.74 6.99
CA TRP A 146 -8.46 34.02 7.12
C TRP A 146 -8.14 34.92 8.30
N ASN A 147 -9.13 35.65 8.82
CA ASN A 147 -8.95 36.52 9.97
C ASN A 147 -9.72 36.01 11.20
N ASP A 148 -9.85 34.69 11.31
CA ASP A 148 -10.61 34.08 12.39
C ASP A 148 -9.83 34.14 13.70
N TYR A 149 -10.52 33.79 14.78
CA TYR A 149 -9.91 33.79 16.11
C TYR A 149 -8.93 32.65 16.31
N THR A 150 -8.99 31.61 15.46
CA THR A 150 -8.17 30.43 15.65
C THR A 150 -6.70 30.67 15.29
N TRP A 151 -6.40 31.75 14.58
CA TRP A 151 -5.04 32.08 14.17
C TRP A 151 -4.24 32.78 15.26
N GLN A 152 -4.81 32.98 16.45
CA GLN A 152 -4.07 33.59 17.54
C GLN A 152 -2.99 32.67 18.10
N THR A 153 -3.20 31.35 17.99
CA THR A 153 -2.25 30.27 18.32
C THR A 153 -1.79 30.34 19.78
N SER A 154 -2.78 30.27 20.68
CA SER A 154 -2.47 30.24 22.10
C SER A 154 -1.86 28.91 22.51
N SER A 155 -2.33 27.82 21.91
CA SER A 155 -1.79 26.49 22.19
C SER A 155 -1.33 25.72 20.96
N ASN A 156 -1.82 26.05 19.78
CA ASN A 156 -1.39 25.40 18.55
C ASN A 156 0.01 25.87 18.16
N PRO A 157 0.92 24.97 17.76
CA PRO A 157 2.23 25.41 17.26
C PRO A 157 2.10 26.09 15.90
N SER A 158 2.90 27.13 15.70
CA SER A 158 2.82 27.92 14.48
C SER A 158 4.22 28.35 14.06
N VAL A 159 4.44 28.40 12.75
CA VAL A 159 5.69 28.83 12.15
C VAL A 159 5.39 30.00 11.22
N PHE A 160 6.07 31.13 11.44
CA PHE A 160 5.93 32.31 10.60
C PHE A 160 7.14 32.40 9.67
N TYR A 161 6.87 32.47 8.37
CA TYR A 161 7.91 32.48 7.35
C TYR A 161 7.83 33.78 6.56
N THR A 162 8.95 34.50 6.49
CA THR A 162 9.09 35.65 5.62
C THR A 162 9.59 35.18 4.27
N TYR A 163 9.02 35.73 3.19
CA TYR A 163 9.42 35.35 1.84
C TYR A 163 10.82 35.85 1.53
N GLY A 164 11.62 34.99 0.90
CA GLY A 164 13.01 35.27 0.62
C GLY A 164 13.98 34.67 1.62
N ALA A 165 13.49 34.15 2.73
CA ALA A 165 14.31 33.54 3.76
C ALA A 165 14.76 32.15 3.33
N PRO A 166 15.73 31.56 4.03
CA PRO A 166 15.93 30.11 3.92
C PRO A 166 14.70 29.36 4.38
N PRO A 167 14.46 28.15 3.81
CA PRO A 167 13.19 27.43 4.06
C PRO A 167 12.99 26.98 5.50
N ALA A 168 11.73 27.03 5.95
CA ALA A 168 11.40 26.82 7.35
C ALA A 168 11.47 25.34 7.70
N ARG A 169 12.12 25.04 8.82
CA ARG A 169 12.37 23.67 9.21
C ARG A 169 12.09 23.47 10.69
N ILE A 170 11.27 22.47 11.00
CA ILE A 170 11.00 22.04 12.36
C ILE A 170 11.19 20.54 12.43
N SER A 171 11.10 20.01 13.64
CA SER A 171 11.14 18.57 13.89
C SER A 171 10.01 18.19 14.83
N VAL A 172 9.51 16.97 14.67
CA VAL A 172 8.50 16.43 15.58
C VAL A 172 9.02 15.12 16.14
N PRO A 173 8.62 14.72 17.35
CA PRO A 173 8.99 13.39 17.84
C PRO A 173 8.07 12.30 17.33
N TYR A 174 8.22 11.08 17.86
CA TYR A 174 7.28 10.01 17.57
C TYR A 174 5.94 10.31 18.25
N VAL A 175 4.92 10.62 17.45
CA VAL A 175 3.64 11.11 17.94
C VAL A 175 2.54 10.05 17.85
N GLY A 176 2.90 8.80 17.60
CA GLY A 176 1.90 7.76 17.44
C GLY A 176 1.36 7.30 18.78
N ILE A 177 0.07 6.93 18.78
CA ILE A 177 -0.57 6.43 19.99
C ILE A 177 -0.27 4.96 20.25
N ALA A 178 0.27 4.25 19.26
CA ALA A 178 0.71 2.87 19.43
C ALA A 178 2.20 2.86 19.74
N ASN A 179 2.79 1.66 19.80
CA ASN A 179 4.23 1.56 19.97
C ASN A 179 5.01 1.68 18.66
N ALA A 180 4.31 1.59 17.53
CA ALA A 180 4.91 1.85 16.22
C ALA A 180 3.79 2.34 15.32
N TYR A 181 4.17 3.05 14.26
CA TYR A 181 3.21 3.39 13.22
C TYR A 181 2.81 2.13 12.46
N SER A 182 1.59 2.12 11.93
CA SER A 182 1.07 0.99 11.17
C SER A 182 0.85 1.46 9.74
N HIS A 183 1.69 0.97 8.82
CA HIS A 183 1.50 1.26 7.40
C HIS A 183 0.31 0.50 6.84
N PHE A 184 0.02 -0.67 7.41
CA PHE A 184 -1.09 -1.52 6.99
C PHE A 184 -1.88 -1.92 8.22
N TYR A 185 -3.19 -1.85 8.10
CA TYR A 185 -4.09 -2.20 9.20
C TYR A 185 -5.16 -3.11 8.64
N ASP A 186 -5.03 -4.41 8.89
CA ASP A 186 -5.98 -5.40 8.40
C ASP A 186 -7.16 -5.44 9.37
N GLY A 187 -8.06 -4.48 9.22
CA GLY A 187 -9.20 -4.43 10.10
C GLY A 187 -10.07 -3.21 9.88
N PHE A 188 -10.94 -2.99 10.86
CA PHE A 188 -11.96 -1.96 10.82
C PHE A 188 -11.90 -1.12 12.08
N ALA A 189 -12.49 0.07 12.01
CA ALA A 189 -12.56 0.93 13.19
C ALA A 189 -13.63 0.45 14.16
N LYS A 190 -14.76 -0.04 13.66
CA LYS A 190 -15.84 -0.51 14.50
C LYS A 190 -16.44 -1.77 13.90
N VAL A 191 -17.02 -2.60 14.76
CA VAL A 191 -17.62 -3.87 14.37
C VAL A 191 -19.14 -3.69 14.33
N PRO A 192 -19.80 -3.99 13.21
CA PRO A 192 -21.28 -3.96 13.21
C PRO A 192 -21.86 -5.07 14.06
N LEU A 193 -23.00 -4.77 14.67
CA LEU A 193 -23.66 -5.69 15.58
C LEU A 193 -25.00 -6.13 14.98
N ALA A 194 -25.50 -7.26 15.48
CA ALA A 194 -26.75 -7.81 14.96
C ALA A 194 -27.94 -7.02 15.47
N GLY A 195 -28.92 -6.82 14.58
CA GLY A 195 -30.14 -6.12 14.92
C GLY A 195 -30.10 -4.62 14.68
N GLN A 196 -28.92 -4.03 14.59
CA GLN A 196 -28.86 -2.60 14.30
C GLN A 196 -28.97 -2.37 12.80
N ALA A 197 -29.24 -1.13 12.43
CA ALA A 197 -29.58 -0.77 11.06
C ALA A 197 -28.34 -0.82 10.16
N SER A 198 -28.60 -0.77 8.85
CA SER A 198 -27.52 -0.86 7.86
C SER A 198 -26.66 0.39 7.82
N THR A 199 -27.21 1.54 8.21
CA THR A 199 -26.46 2.77 8.25
C THR A 199 -25.55 2.88 9.47
N GLU A 200 -25.72 2.02 10.46
CA GLU A 200 -24.92 2.05 11.68
C GLU A 200 -23.95 0.87 11.68
N GLY A 201 -22.72 1.12 12.11
CA GLY A 201 -21.71 0.10 12.20
C GLY A 201 -20.81 -0.02 10.99
N ASP A 202 -21.08 0.70 9.91
CA ASP A 202 -20.20 0.66 8.75
C ASP A 202 -18.92 1.45 9.02
N SER A 203 -17.82 0.95 8.47
CA SER A 203 -16.52 1.59 8.58
C SER A 203 -15.68 1.19 7.39
N LEU A 204 -14.61 1.96 7.16
CA LEU A 204 -13.69 1.66 6.07
C LEU A 204 -12.78 0.49 6.43
N TYR A 205 -12.33 -0.20 5.39
CA TYR A 205 -11.40 -1.32 5.57
C TYR A 205 -9.98 -0.76 5.61
N GLY A 206 -9.44 -0.65 6.82
CA GLY A 206 -8.07 -0.20 6.97
C GLY A 206 -7.86 1.26 7.29
N ALA A 207 -8.91 1.97 7.68
CA ALA A 207 -8.74 3.41 7.95
C ALA A 207 -8.09 3.68 9.30
N ALA A 208 -8.43 2.87 10.32
CA ALA A 208 -8.15 3.09 11.75
C ALA A 208 -8.70 4.45 12.14
N SER A 209 -7.89 5.38 12.62
CA SER A 209 -8.38 6.72 12.94
C SER A 209 -8.62 7.53 11.67
N LEU A 210 -9.77 8.20 11.61
CA LEU A 210 -10.09 9.01 10.44
C LEU A 210 -9.28 10.29 10.40
N ASN A 211 -8.90 10.81 11.57
CA ASN A 211 -8.07 12.00 11.71
C ASN A 211 -6.95 11.61 12.66
N ASP A 212 -5.85 11.08 12.10
CA ASP A 212 -4.83 10.48 12.93
C ASP A 212 -3.75 11.47 13.36
N PHE A 213 -3.30 12.34 12.46
CA PHE A 213 -2.20 13.26 12.78
C PHE A 213 -2.59 14.72 12.68
N GLY A 214 -3.80 15.04 12.22
CA GLY A 214 -4.25 16.41 12.19
C GLY A 214 -4.03 17.05 10.84
N SER A 215 -3.99 18.38 10.87
CA SER A 215 -3.99 19.18 9.67
C SER A 215 -3.05 20.37 9.83
N LEU A 216 -2.62 20.89 8.68
CA LEU A 216 -1.82 22.12 8.62
C LEU A 216 -2.64 23.19 7.93
N ALA A 217 -2.67 24.39 8.51
CA ALA A 217 -3.39 25.52 7.97
C ALA A 217 -2.40 26.60 7.55
N VAL A 218 -2.51 27.05 6.30
CA VAL A 218 -1.59 28.02 5.71
C VAL A 218 -2.40 29.23 5.29
N ARG A 219 -1.93 30.43 5.67
CA ARG A 219 -2.54 31.67 5.22
C ARG A 219 -1.46 32.71 4.96
N VAL A 220 -1.88 33.81 4.33
CA VAL A 220 -1.04 34.99 4.18
C VAL A 220 -1.47 36.00 5.24
N VAL A 221 -0.50 36.46 6.04
CA VAL A 221 -0.78 37.36 7.16
C VAL A 221 -1.18 38.74 6.67
N ASN A 222 -0.56 39.22 5.58
CA ASN A 222 -0.74 40.58 5.11
C ASN A 222 -2.12 40.79 4.50
N ASP A 223 -2.51 42.07 4.40
CA ASP A 223 -3.79 42.45 3.84
C ASP A 223 -3.76 42.38 2.32
N HIS A 224 -4.87 42.72 1.69
CA HIS A 224 -5.00 42.55 0.26
C HIS A 224 -4.33 43.67 -0.50
N ASN A 225 -3.60 43.31 -1.51
CA ASN A 225 -3.01 44.16 -2.52
C ASN A 225 -3.96 44.23 -3.72
N PRO A 226 -3.83 45.24 -4.58
CA PRO A 226 -4.62 45.23 -5.83
C PRO A 226 -4.28 44.09 -6.79
N THR A 227 -3.08 43.52 -6.72
CA THR A 227 -2.71 42.40 -7.57
C THR A 227 -3.08 41.08 -6.91
N ARG A 228 -3.50 40.12 -7.72
CA ARG A 228 -3.73 38.77 -7.27
C ARG A 228 -2.40 38.02 -7.26
N LEU A 229 -1.98 37.53 -6.10
CA LEU A 229 -0.76 36.76 -5.97
C LEU A 229 -1.09 35.35 -5.52
N THR A 230 -0.63 34.36 -6.28
CA THR A 230 -0.78 32.98 -5.87
C THR A 230 0.52 32.47 -5.27
N SER A 231 0.38 31.54 -4.33
CA SER A 231 1.53 31.01 -3.61
C SER A 231 1.33 29.52 -3.39
N LYS A 232 2.40 28.75 -3.62
CA LYS A 232 2.44 27.33 -3.35
C LYS A 232 3.51 27.06 -2.32
N ILE A 233 3.16 26.37 -1.25
CA ILE A 233 4.11 25.93 -0.23
C ILE A 233 4.22 24.41 -0.33
N ARG A 234 5.45 23.92 -0.45
CA ARG A 234 5.71 22.51 -0.66
C ARG A 234 6.29 21.91 0.61
N VAL A 235 5.65 20.85 1.08
CA VAL A 235 6.01 20.21 2.34
C VAL A 235 6.95 19.04 2.04
N TYR A 236 8.14 19.10 2.60
CA TYR A 236 9.15 18.07 2.43
C TYR A 236 9.33 17.36 3.76
N MET A 237 9.31 16.03 3.72
CA MET A 237 9.21 15.18 4.90
C MET A 237 10.40 14.23 4.92
N LYS A 238 11.18 14.26 5.99
CA LYS A 238 12.38 13.45 6.12
C LYS A 238 12.31 12.65 7.41
N PRO A 239 12.25 11.32 7.35
CA PRO A 239 12.34 10.53 8.58
C PRO A 239 13.76 10.48 9.12
N LYS A 240 13.87 10.38 10.44
CA LYS A 240 15.16 10.17 11.09
C LYS A 240 14.93 9.40 12.38
N HIS A 241 16.01 8.74 12.83
CA HIS A 241 16.03 7.75 13.92
C HIS A 241 15.00 6.65 13.68
N VAL A 242 15.22 5.92 12.59
CA VAL A 242 14.21 5.03 12.02
C VAL A 242 14.44 3.60 12.51
N ARG A 243 13.37 2.95 12.96
CA ARG A 243 13.35 1.52 13.22
C ARG A 243 12.16 0.93 12.48
N VAL A 244 12.38 -0.18 11.77
CA VAL A 244 11.33 -0.89 11.04
C VAL A 244 11.32 -2.35 11.48
N TRP A 245 10.18 -3.02 11.26
CA TRP A 245 9.98 -4.31 11.93
C TRP A 245 9.41 -5.47 11.11
N CYS A 246 8.82 -5.27 9.93
CA CYS A 246 8.31 -6.43 9.19
C CYS A 246 8.44 -6.20 7.70
N PRO A 247 9.36 -6.89 7.02
CA PRO A 247 9.55 -6.65 5.58
C PRO A 247 8.41 -7.19 4.72
N ARG A 248 8.10 -6.45 3.68
CA ARG A 248 7.03 -6.69 2.73
C ARG A 248 7.58 -6.54 1.33
N PRO A 249 6.96 -7.20 0.34
CA PRO A 249 7.31 -6.93 -1.05
C PRO A 249 6.88 -5.55 -1.46
N PRO A 250 7.63 -4.89 -2.34
CA PRO A 250 7.24 -3.56 -2.80
C PRO A 250 6.11 -3.61 -3.81
N ARG A 251 5.43 -2.47 -3.93
CA ARG A 251 4.28 -2.34 -4.80
C ARG A 251 4.69 -2.37 -6.27
N ALA A 252 3.97 -3.16 -7.08
CA ALA A 252 4.32 -3.37 -8.48
C ALA A 252 3.31 -2.78 -9.47
N VAL A 253 2.19 -2.26 -8.99
CA VAL A 253 1.17 -1.65 -9.85
C VAL A 253 1.02 -0.20 -9.41
N PRO A 254 0.39 0.65 -10.24
CA PRO A 254 0.03 1.98 -9.76
C PRO A 254 -0.94 1.97 -8.60
N TYR A 255 -0.73 2.91 -7.66
CA TYR A 255 -1.57 3.05 -6.49
C TYR A 255 -2.94 3.59 -6.87
N PHE A 256 -3.94 3.23 -6.07
CA PHE A 256 -5.32 3.64 -6.29
C PHE A 256 -5.94 3.89 -4.92
N GLY A 257 -5.92 5.15 -4.49
CA GLY A 257 -6.48 5.53 -3.21
C GLY A 257 -5.55 5.29 -2.04
N PRO A 258 -6.05 5.50 -0.82
CA PRO A 258 -5.20 5.28 0.37
C PRO A 258 -4.99 3.82 0.71
N GLY A 259 -5.81 2.91 0.19
CA GLY A 259 -5.70 1.50 0.50
C GLY A 259 -4.79 0.74 -0.44
N VAL A 260 -5.02 -0.56 -0.51
CA VAL A 260 -4.23 -1.46 -1.36
C VAL A 260 -4.95 -1.74 -2.68
N ASP A 261 -5.94 -0.94 -3.04
CA ASP A 261 -6.77 -1.19 -4.21
C ASP A 261 -6.00 -0.94 -5.51
N TYR A 262 -6.50 -1.52 -6.59
CA TYR A 262 -5.93 -1.28 -7.91
C TYR A 262 -7.04 -1.26 -8.95
N LYS A 263 -6.92 -0.40 -9.93
CA LYS A 263 -7.86 -0.45 -11.04
C LYS A 263 -7.19 -0.64 -12.39
N ASP A 264 -6.15 0.13 -12.70
CA ASP A 264 -5.50 0.06 -13.99
C ASP A 264 -3.99 0.03 -13.77
N GLY A 265 -3.25 0.06 -14.86
CA GLY A 265 -1.82 -0.11 -14.78
C GLY A 265 -1.37 -1.52 -14.49
N LEU A 266 -2.24 -2.51 -14.69
CA LEU A 266 -1.90 -3.90 -14.47
C LEU A 266 -1.07 -4.42 -15.63
N THR A 267 -0.68 -5.69 -15.51
CA THR A 267 0.24 -6.46 -16.36
C THR A 267 1.56 -5.71 -16.56
N PRO A 268 2.42 -5.64 -15.53
CA PRO A 268 3.56 -4.71 -15.60
C PRO A 268 4.77 -5.21 -16.38
N LEU A 269 4.98 -6.54 -16.43
CA LEU A 269 6.20 -7.08 -17.02
C LEU A 269 6.13 -7.05 -18.55
N PRO A 270 7.26 -6.81 -19.23
CA PRO A 270 7.24 -6.78 -20.69
C PRO A 270 7.48 -8.14 -21.31
N GLU A 271 7.46 -8.20 -22.63
CA GLU A 271 7.66 -9.45 -23.36
C GLU A 271 9.14 -9.72 -23.53
N LYS A 272 9.56 -10.94 -23.20
CA LYS A 272 10.94 -11.37 -23.33
C LYS A 272 10.95 -12.88 -23.51
N GLY A 273 11.72 -13.36 -24.48
CA GLY A 273 11.74 -14.79 -24.76
C GLY A 273 12.45 -15.58 -23.69
N LEU A 274 12.13 -16.86 -23.60
CA LEU A 274 12.70 -17.71 -22.57
C LEU A 274 14.15 -18.07 -22.88
N THR A 275 14.45 -18.35 -24.15
CA THR A 275 15.77 -18.75 -24.58
C THR A 275 16.55 -17.64 -25.28
N THR A 276 16.07 -16.40 -25.18
CA THR A 276 16.78 -15.24 -25.68
C THR A 276 17.35 -14.47 -24.49
N TYR A 277 18.63 -14.14 -24.55
CA TYR A 277 19.33 -13.49 -23.45
C TYR A 277 18.90 -12.05 -23.26
N SER B 1 14.80 -38.99 10.13
CA SER B 1 15.06 -38.47 11.47
C SER B 1 14.39 -37.11 11.65
N VAL B 2 14.75 -36.17 10.78
CA VAL B 2 14.14 -34.84 10.79
C VAL B 2 12.71 -34.90 10.27
N ARG B 3 12.41 -35.86 9.39
CA ARG B 3 11.14 -35.87 8.66
C ARG B 3 9.95 -36.33 9.50
N VAL B 4 10.16 -36.81 10.72
CA VAL B 4 9.06 -37.16 11.63
C VAL B 4 8.95 -36.09 12.70
N MET B 5 7.72 -35.74 13.05
CA MET B 5 7.46 -34.77 14.11
C MET B 5 6.23 -35.22 14.90
N GLN B 6 6.16 -34.79 16.15
CA GLN B 6 4.95 -34.93 16.95
C GLN B 6 4.70 -33.63 17.69
N LEU B 7 3.61 -32.96 17.34
CA LEU B 7 3.17 -31.76 18.02
C LEU B 7 2.05 -32.11 18.99
N THR B 8 2.11 -31.57 20.20
CA THR B 8 1.04 -31.74 21.16
C THR B 8 0.77 -30.42 21.87
N LEU B 9 -0.49 -30.00 21.87
CA LEU B 9 -0.95 -28.82 22.58
C LEU B 9 -2.34 -29.10 23.14
N GLY B 10 -2.48 -29.04 24.45
CA GLY B 10 -3.77 -29.33 25.06
C GLY B 10 -4.09 -30.80 25.03
N ASN B 11 -5.24 -31.14 24.47
CA ASN B 11 -5.66 -32.52 24.30
C ASN B 11 -5.51 -33.01 22.87
N SER B 12 -4.79 -32.27 22.03
CA SER B 12 -4.68 -32.58 20.61
C SER B 12 -3.25 -32.98 20.26
N THR B 13 -3.13 -33.86 19.27
CA THR B 13 -1.84 -34.40 18.86
C THR B 13 -1.81 -34.58 17.35
N ILE B 14 -0.78 -34.03 16.70
CA ILE B 14 -0.56 -34.22 15.27
C ILE B 14 0.74 -34.96 15.07
N THR B 15 0.70 -36.06 14.32
CA THR B 15 1.88 -36.81 13.95
C THR B 15 2.03 -36.79 12.44
N THR B 16 3.23 -36.43 11.96
CA THR B 16 3.55 -36.44 10.55
C THR B 16 4.80 -37.27 10.33
N GLN B 17 4.87 -37.91 9.15
CA GLN B 17 6.00 -38.76 8.80
C GLN B 17 6.78 -38.27 7.60
N GLU B 18 6.27 -37.30 6.85
CA GLU B 18 6.98 -36.74 5.71
C GLU B 18 7.07 -35.22 5.85
N ALA B 19 7.54 -34.76 6.99
CA ALA B 19 7.68 -33.33 7.24
C ALA B 19 8.99 -32.80 6.65
N ALA B 20 8.97 -31.53 6.26
CA ALA B 20 10.22 -30.88 5.85
C ALA B 20 10.99 -30.41 7.09
N ASN B 21 10.43 -29.43 7.79
CA ASN B 21 10.89 -28.91 9.07
C ASN B 21 9.76 -28.05 9.62
N SER B 22 10.04 -27.33 10.70
CA SER B 22 9.11 -26.38 11.30
C SER B 22 9.72 -24.99 11.27
N VAL B 23 8.94 -24.00 10.83
CA VAL B 23 9.40 -22.62 10.73
C VAL B 23 8.86 -21.83 11.91
N VAL B 24 9.76 -21.23 12.67
CA VAL B 24 9.40 -20.24 13.68
C VAL B 24 9.54 -18.87 13.02
N ALA B 25 8.44 -18.14 12.93
CA ALA B 25 8.39 -16.89 12.19
C ALA B 25 9.17 -15.80 12.92
N TYR B 26 10.16 -15.25 12.21
CA TYR B 26 11.11 -14.21 12.65
C TYR B 26 11.95 -14.64 13.85
N GLY B 27 12.13 -15.94 14.06
CA GLY B 27 12.96 -16.45 15.13
C GLY B 27 12.41 -16.27 16.52
N ARG B 28 11.12 -16.01 16.66
CA ARG B 28 10.51 -15.66 17.94
C ARG B 28 9.39 -16.63 18.27
N TRP B 29 9.52 -17.33 19.38
CA TRP B 29 8.48 -18.19 19.89
C TRP B 29 7.40 -17.32 20.55
N PRO B 30 6.14 -17.77 20.54
CA PRO B 30 5.09 -17.04 21.26
C PRO B 30 5.30 -17.02 22.77
N GLU B 31 4.88 -15.90 23.37
CA GLU B 31 5.14 -15.65 24.79
C GLU B 31 4.02 -14.78 25.33
N TYR B 32 3.92 -14.74 26.66
CA TYR B 32 2.95 -13.88 27.32
C TYR B 32 3.48 -12.45 27.43
N ILE B 33 2.59 -11.55 27.87
CA ILE B 33 2.95 -10.15 28.03
C ILE B 33 3.81 -9.99 29.28
N ARG B 34 5.00 -9.44 29.11
CA ARG B 34 5.86 -9.11 30.23
C ARG B 34 5.33 -7.87 30.95
N ASP B 35 5.75 -7.71 32.21
CA ASP B 35 5.28 -6.58 33.02
C ASP B 35 5.85 -5.24 32.57
N THR B 36 6.95 -5.25 31.83
CA THR B 36 7.52 -4.03 31.28
C THR B 36 6.82 -3.57 30.01
N GLU B 37 5.92 -4.38 29.45
CA GLU B 37 5.22 -4.05 28.22
C GLU B 37 3.70 -4.07 28.37
N ALA B 38 3.19 -4.15 29.59
CA ALA B 38 1.76 -4.34 29.81
C ALA B 38 1.04 -3.00 29.82
N ASN B 39 0.18 -2.78 28.84
CA ASN B 39 -0.64 -1.57 28.78
C ASN B 39 -1.94 -1.61 29.60
N PRO B 40 -2.83 -2.64 29.56
CA PRO B 40 -3.98 -2.61 30.46
C PRO B 40 -3.61 -3.04 31.87
N VAL B 41 -4.44 -2.61 32.82
CA VAL B 41 -4.14 -2.79 34.24
C VAL B 41 -4.94 -3.91 34.89
N ASP B 42 -6.01 -4.39 34.26
CA ASP B 42 -6.79 -5.46 34.86
C ASP B 42 -6.07 -6.80 34.71
N GLN B 43 -6.47 -7.75 35.53
CA GLN B 43 -5.87 -9.07 35.52
C GLN B 43 -6.29 -9.84 34.28
N PRO B 44 -5.35 -10.36 33.48
CA PRO B 44 -5.72 -11.16 32.32
C PRO B 44 -6.24 -12.53 32.72
N THR B 45 -7.09 -13.09 31.86
CA THR B 45 -7.48 -14.49 31.97
C THR B 45 -6.68 -15.30 30.96
N GLU B 46 -6.17 -16.44 31.41
CA GLU B 46 -5.37 -17.33 30.57
C GLU B 46 -6.04 -18.70 30.55
N PRO B 47 -6.80 -19.02 29.49
CA PRO B 47 -7.55 -20.29 29.46
C PRO B 47 -6.69 -21.53 29.34
N ASP B 48 -5.44 -21.39 28.87
CA ASP B 48 -4.43 -22.44 28.68
C ASP B 48 -4.95 -23.55 27.78
N VAL B 49 -5.15 -24.75 28.33
CA VAL B 49 -5.52 -25.92 27.54
C VAL B 49 -6.95 -25.88 27.02
N ALA B 50 -7.79 -24.99 27.53
CA ALA B 50 -9.13 -24.81 26.99
C ALA B 50 -9.09 -24.14 25.62
N ALA B 51 -8.15 -23.24 25.41
CA ALA B 51 -8.02 -22.50 24.16
C ALA B 51 -6.82 -22.92 23.31
N CYS B 52 -5.68 -23.26 23.93
CA CYS B 52 -4.49 -23.63 23.18
C CYS B 52 -4.56 -25.11 22.79
N ARG B 53 -5.29 -25.37 21.72
CA ARG B 53 -5.43 -26.72 21.18
C ARG B 53 -5.67 -26.60 19.68
N PHE B 54 -5.45 -27.71 18.99
CA PHE B 54 -5.54 -27.73 17.53
C PHE B 54 -6.99 -27.79 17.08
N TYR B 55 -7.42 -26.78 16.32
CA TYR B 55 -8.73 -26.75 15.69
C TYR B 55 -8.59 -26.98 14.20
N THR B 56 -9.44 -27.82 13.65
CA THR B 56 -9.41 -28.18 12.24
C THR B 56 -10.51 -27.41 11.51
N LEU B 57 -10.12 -26.66 10.48
CA LEU B 57 -11.06 -25.88 9.70
C LEU B 57 -11.69 -26.75 8.62
N ASP B 58 -12.44 -26.13 7.72
CA ASP B 58 -13.03 -26.85 6.60
C ASP B 58 -11.97 -27.22 5.57
N THR B 59 -12.19 -28.34 4.90
CA THR B 59 -11.25 -28.87 3.93
C THR B 59 -11.56 -28.33 2.54
N VAL B 60 -10.55 -27.72 1.91
CA VAL B 60 -10.66 -27.21 0.55
C VAL B 60 -10.06 -28.23 -0.41
N THR B 61 -10.50 -28.21 -1.66
CA THR B 61 -10.07 -29.18 -2.66
C THR B 61 -9.19 -28.52 -3.70
N TRP B 62 -8.01 -29.10 -3.88
CA TRP B 62 -7.06 -28.65 -4.90
C TRP B 62 -7.35 -29.37 -6.21
N ARG B 63 -7.53 -28.60 -7.27
CA ARG B 63 -7.67 -29.14 -8.61
C ARG B 63 -6.87 -28.26 -9.56
N LYS B 64 -6.97 -28.55 -10.86
CA LYS B 64 -6.16 -27.86 -11.86
C LYS B 64 -6.57 -26.41 -12.05
N GLU B 65 -7.88 -26.13 -12.01
CA GLU B 65 -8.38 -24.78 -12.26
C GLU B 65 -8.34 -23.90 -11.02
N SER B 66 -7.93 -24.43 -9.87
CA SER B 66 -7.89 -23.65 -8.63
C SER B 66 -6.73 -22.68 -8.64
N ARG B 67 -6.97 -21.47 -8.13
CA ARG B 67 -5.99 -20.39 -8.20
C ARG B 67 -5.49 -19.92 -6.85
N GLY B 68 -6.11 -20.33 -5.76
CA GLY B 68 -5.57 -20.02 -4.44
C GLY B 68 -6.66 -19.87 -3.41
N TRP B 69 -6.23 -19.86 -2.14
CA TRP B 69 -7.11 -19.73 -0.99
C TRP B 69 -6.45 -18.84 0.05
N TRP B 70 -7.28 -18.16 0.85
CA TRP B 70 -6.76 -17.29 1.90
C TRP B 70 -7.66 -17.37 3.14
N TRP B 71 -7.06 -17.02 4.28
CA TRP B 71 -7.74 -17.03 5.56
C TRP B 71 -7.21 -15.89 6.42
N LYS B 72 -8.01 -15.51 7.43
CA LYS B 72 -7.65 -14.47 8.37
C LYS B 72 -7.63 -15.03 9.78
N LEU B 73 -6.63 -14.64 10.58
CA LEU B 73 -6.56 -15.01 11.98
C LEU B 73 -6.68 -13.77 12.85
N PRO B 74 -7.44 -13.83 13.96
CA PRO B 74 -8.22 -14.94 14.50
C PRO B 74 -9.66 -15.03 13.99
N ASP B 75 -9.92 -14.59 12.76
CA ASP B 75 -11.28 -14.66 12.22
C ASP B 75 -11.66 -16.10 11.89
N ALA B 76 -10.71 -16.93 11.46
CA ALA B 76 -11.00 -18.32 11.11
C ALA B 76 -11.31 -19.18 12.33
N LEU B 77 -10.93 -18.76 13.52
CA LEU B 77 -11.20 -19.47 14.75
C LEU B 77 -12.28 -18.81 15.60
N LYS B 78 -13.18 -18.04 14.98
CA LYS B 78 -14.18 -17.31 15.76
C LYS B 78 -15.33 -18.21 16.21
N ASP B 79 -15.56 -19.33 15.53
CA ASP B 79 -16.60 -20.27 15.90
C ASP B 79 -16.05 -21.53 16.56
N MET B 80 -14.76 -21.54 16.90
CA MET B 80 -14.08 -22.75 17.33
C MET B 80 -13.96 -22.78 18.86
N GLY B 81 -15.10 -23.03 19.50
CA GLY B 81 -15.11 -23.38 20.93
C GLY B 81 -14.80 -22.23 21.88
N LEU B 82 -14.05 -22.57 22.93
CA LEU B 82 -13.80 -21.67 24.03
C LEU B 82 -12.86 -20.53 23.66
N PHE B 83 -12.02 -20.72 22.63
CA PHE B 83 -11.25 -19.61 22.07
C PHE B 83 -12.17 -18.56 21.45
N GLY B 84 -13.17 -19.00 20.70
CA GLY B 84 -14.12 -18.08 20.10
C GLY B 84 -15.00 -17.39 21.13
N GLN B 85 -15.38 -18.12 22.18
CA GLN B 85 -16.17 -17.52 23.25
C GLN B 85 -15.35 -16.52 24.07
N ASN B 86 -14.09 -16.83 24.36
CA ASN B 86 -13.23 -15.87 25.06
C ASN B 86 -12.88 -14.67 24.19
N MET B 87 -12.85 -14.85 22.87
CA MET B 87 -12.66 -13.72 21.98
C MET B 87 -13.88 -12.82 21.94
N PHE B 88 -15.07 -13.41 21.84
CA PHE B 88 -16.28 -12.60 21.74
C PHE B 88 -16.72 -11.99 23.07
N TYR B 89 -16.32 -12.58 24.20
CA TYR B 89 -16.67 -11.99 25.49
C TYR B 89 -15.74 -10.85 25.90
N HIS B 90 -14.51 -10.84 25.41
CA HIS B 90 -13.51 -9.89 25.87
C HIS B 90 -13.23 -8.83 24.80
N TYR B 91 -12.85 -7.64 25.29
CA TYR B 91 -12.53 -6.53 24.40
C TYR B 91 -11.15 -6.69 23.78
N LEU B 92 -10.17 -7.14 24.54
CA LEU B 92 -8.79 -7.27 24.08
C LEU B 92 -8.38 -8.73 24.05
N GLY B 93 -7.52 -9.07 23.09
CA GLY B 93 -7.06 -10.44 22.95
C GLY B 93 -5.72 -10.51 22.27
N ARG B 94 -4.93 -11.51 22.66
CA ARG B 94 -3.61 -11.72 22.08
C ARG B 94 -3.33 -13.21 22.05
N ALA B 95 -2.93 -13.72 20.89
CA ALA B 95 -2.58 -15.12 20.77
C ALA B 95 -1.56 -15.30 19.66
N GLY B 96 -0.52 -16.09 19.94
CA GLY B 96 0.30 -16.64 18.89
C GLY B 96 -0.35 -17.86 18.29
N TYR B 97 0.17 -18.31 17.15
CA TYR B 97 -0.46 -19.39 16.41
C TYR B 97 0.56 -20.41 15.94
N THR B 98 0.15 -21.67 15.90
CA THR B 98 0.85 -22.74 15.21
C THR B 98 -0.06 -23.20 14.07
N VAL B 99 0.35 -22.95 12.84
CA VAL B 99 -0.46 -23.26 11.67
C VAL B 99 0.11 -24.50 11.02
N HIS B 100 -0.71 -25.53 10.87
CA HIS B 100 -0.31 -26.79 10.27
C HIS B 100 -1.20 -27.06 9.06
N VAL B 101 -0.59 -27.17 7.89
CA VAL B 101 -1.30 -27.41 6.64
C VAL B 101 -1.05 -28.85 6.23
N GLN B 102 -2.11 -29.58 5.88
CA GLN B 102 -2.02 -30.99 5.54
C GLN B 102 -2.49 -31.19 4.11
N CYS B 103 -1.64 -31.80 3.29
CA CYS B 103 -1.99 -32.11 1.90
C CYS B 103 -1.12 -33.29 1.47
N ASN B 104 -1.73 -34.46 1.34
CA ASN B 104 -1.03 -35.67 0.96
C ASN B 104 -1.47 -36.12 -0.43
N ALA B 105 -0.54 -36.74 -1.15
CA ALA B 105 -0.78 -37.28 -2.47
C ALA B 105 0.17 -38.44 -2.71
N SER B 106 -0.09 -39.18 -3.78
CA SER B 106 0.76 -40.30 -4.13
C SER B 106 2.07 -39.82 -4.76
N LYS B 107 2.99 -40.77 -4.94
CA LYS B 107 4.29 -40.46 -5.53
C LYS B 107 4.20 -40.21 -7.04
N PHE B 108 3.12 -40.60 -7.68
CA PHE B 108 2.88 -40.33 -9.09
C PHE B 108 2.21 -38.99 -9.33
N HIS B 109 1.80 -38.29 -8.29
CA HIS B 109 1.30 -36.93 -8.39
C HIS B 109 2.45 -35.94 -8.46
N GLN B 110 2.15 -34.75 -8.98
CA GLN B 110 3.08 -33.63 -8.93
C GLN B 110 2.31 -32.35 -8.64
N GLY B 111 3.01 -31.39 -8.09
CA GLY B 111 2.43 -30.10 -7.73
C GLY B 111 3.16 -29.49 -6.57
N ALA B 112 2.97 -28.20 -6.39
CA ALA B 112 3.60 -27.46 -5.30
C ALA B 112 2.65 -26.39 -4.78
N LEU B 113 2.60 -26.26 -3.46
CA LEU B 113 1.79 -25.25 -2.79
C LEU B 113 2.70 -24.31 -2.02
N GLY B 114 2.45 -23.01 -2.13
CA GLY B 114 3.12 -22.03 -1.32
C GLY B 114 2.26 -21.61 -0.15
N VAL B 115 2.72 -21.94 1.05
CA VAL B 115 2.03 -21.59 2.28
C VAL B 115 2.70 -20.34 2.84
N PHE B 116 2.00 -19.20 2.79
CA PHE B 116 2.56 -17.91 3.17
C PHE B 116 1.81 -17.36 4.38
N ALA B 117 2.56 -16.91 5.39
CA ALA B 117 2.00 -16.26 6.56
C ALA B 117 2.33 -14.78 6.50
N VAL B 118 1.31 -13.95 6.36
CA VAL B 118 1.44 -12.53 6.05
C VAL B 118 0.96 -11.72 7.24
N PRO B 119 1.79 -10.90 7.88
CA PRO B 119 1.28 -9.94 8.86
C PRO B 119 0.60 -8.78 8.16
N GLU B 120 -0.62 -8.46 8.62
CA GLU B 120 -1.53 -7.44 8.08
C GLU B 120 -1.82 -7.68 6.60
N MET B 121 -2.46 -8.81 6.31
CA MET B 121 -2.73 -9.22 4.93
C MET B 121 -3.97 -8.48 4.44
N CYS B 122 -3.75 -7.26 3.96
CA CYS B 122 -4.83 -6.47 3.38
C CYS B 122 -5.10 -6.92 1.95
N LEU B 123 -6.37 -6.87 1.57
CA LEU B 123 -6.81 -7.30 0.26
C LEU B 123 -7.53 -6.17 -0.45
N ALA B 124 -7.46 -6.16 -1.77
CA ALA B 124 -8.06 -5.11 -2.57
C ALA B 124 -9.53 -5.41 -2.86
N GLY B 125 -10.29 -4.35 -3.13
CA GLY B 125 -11.71 -4.45 -3.33
C GLY B 125 -12.09 -4.68 -4.79
N ASP B 126 -13.39 -4.68 -5.03
CA ASP B 126 -13.94 -4.98 -6.34
C ASP B 126 -14.44 -3.74 -7.08
N SER B 127 -14.33 -2.55 -6.50
CA SER B 127 -14.99 -1.38 -7.03
C SER B 127 -14.04 -0.20 -7.09
N THR B 128 -14.50 0.86 -7.76
CA THR B 128 -13.78 2.13 -7.82
C THR B 128 -13.74 2.81 -6.46
N THR B 129 -14.78 2.62 -5.64
CA THR B 129 -14.87 3.20 -4.31
C THR B 129 -13.84 2.59 -3.37
N HIS B 130 -12.99 3.44 -2.80
CA HIS B 130 -11.86 2.99 -2.00
C HIS B 130 -12.32 2.50 -0.63
N MET B 131 -11.71 1.41 -0.17
CA MET B 131 -11.86 0.82 1.17
C MET B 131 -13.30 0.47 1.51
N PHE B 132 -14.05 -0.01 0.52
CA PHE B 132 -15.49 -0.15 0.61
C PHE B 132 -15.94 -1.59 0.94
N THR B 133 -15.00 -2.48 1.21
CA THR B 133 -15.37 -3.86 1.53
C THR B 133 -15.91 -3.95 2.96
N LYS B 134 -17.06 -4.61 3.10
CA LYS B 134 -17.75 -4.65 4.37
C LYS B 134 -17.13 -5.67 5.31
N TYR B 135 -17.61 -5.66 6.56
CA TYR B 135 -17.12 -6.56 7.60
C TYR B 135 -17.49 -8.01 7.32
N GLU B 136 -18.67 -8.23 6.73
CA GLU B 136 -19.18 -9.58 6.50
C GLU B 136 -18.41 -10.30 5.41
N ASN B 137 -17.90 -9.57 4.42
CA ASN B 137 -17.09 -10.16 3.37
C ASN B 137 -15.61 -10.21 3.72
N ALA B 138 -15.12 -9.28 4.52
CA ALA B 138 -13.71 -9.29 4.93
C ALA B 138 -13.43 -10.27 6.06
N ASN B 139 -14.46 -10.79 6.71
CA ASN B 139 -14.31 -11.78 7.77
C ASN B 139 -15.22 -12.96 7.45
N PRO B 140 -14.79 -13.86 6.55
CA PRO B 140 -15.66 -14.97 6.16
C PRO B 140 -15.67 -16.13 7.15
N GLY B 141 -14.68 -16.22 8.02
CA GLY B 141 -14.65 -17.29 9.00
C GLY B 141 -13.79 -18.46 8.58
N GLU B 142 -14.28 -19.68 8.84
CA GLU B 142 -13.52 -20.88 8.53
C GLU B 142 -13.54 -21.21 7.04
N LYS B 143 -14.49 -20.68 6.28
CA LYS B 143 -14.56 -21.01 4.86
C LYS B 143 -13.52 -20.27 4.04
N GLY B 144 -13.01 -19.14 4.55
CA GLY B 144 -12.01 -18.34 3.88
C GLY B 144 -12.53 -17.68 2.62
N GLY B 145 -11.61 -17.44 1.70
CA GLY B 145 -11.94 -16.94 0.38
C GLY B 145 -11.01 -17.54 -0.65
N GLU B 146 -11.23 -17.17 -1.91
CA GLU B 146 -10.47 -17.73 -3.01
C GLU B 146 -9.85 -16.62 -3.85
N PHE B 147 -8.59 -16.82 -4.25
CA PHE B 147 -7.96 -15.93 -5.20
C PHE B 147 -8.55 -16.14 -6.58
N LYS B 148 -8.55 -15.09 -7.39
CA LYS B 148 -9.16 -15.11 -8.71
C LYS B 148 -8.09 -14.90 -9.77
N GLY B 149 -8.42 -15.28 -11.00
CA GLY B 149 -7.45 -15.22 -12.08
C GLY B 149 -7.31 -13.86 -12.73
N SER B 150 -8.37 -13.06 -12.74
CA SER B 150 -8.34 -11.76 -13.39
C SER B 150 -9.19 -10.78 -12.60
N PHE B 151 -8.90 -9.49 -12.78
CA PHE B 151 -9.62 -8.44 -12.07
C PHE B 151 -10.94 -8.14 -12.79
N THR B 152 -12.04 -8.15 -12.03
CA THR B 152 -13.37 -7.87 -12.56
C THR B 152 -13.97 -6.76 -11.73
N LEU B 153 -14.50 -5.74 -12.39
CA LEU B 153 -15.01 -4.55 -11.74
C LEU B 153 -16.51 -4.68 -11.54
N ASP B 154 -16.97 -4.40 -10.32
CA ASP B 154 -18.39 -4.45 -10.00
C ASP B 154 -19.07 -3.18 -10.50
N THR B 155 -19.98 -3.32 -11.46
CA THR B 155 -20.68 -2.18 -12.02
C THR B 155 -22.04 -1.95 -11.39
N ASN B 156 -22.43 -2.76 -10.41
CA ASN B 156 -23.74 -2.64 -9.77
C ASN B 156 -23.64 -1.51 -8.74
N ALA B 157 -24.14 -0.33 -9.11
CA ALA B 157 -24.18 0.79 -8.18
C ALA B 157 -25.42 0.79 -7.31
N THR B 158 -26.43 0.00 -7.66
CA THR B 158 -27.66 -0.03 -6.87
C THR B 158 -27.49 -0.89 -5.62
N ASN B 159 -27.04 -2.12 -5.80
CA ASN B 159 -26.72 -3.02 -4.70
C ASN B 159 -25.31 -3.54 -4.93
N PRO B 160 -24.29 -2.83 -4.41
CA PRO B 160 -22.91 -3.29 -4.60
C PRO B 160 -22.59 -4.52 -3.77
N ALA B 161 -21.66 -5.32 -4.28
CA ALA B 161 -21.29 -6.57 -3.62
C ALA B 161 -20.44 -6.29 -2.38
N ARG B 162 -19.54 -5.31 -2.47
CA ARG B 162 -18.59 -4.87 -1.43
C ARG B 162 -17.72 -6.04 -0.93
N ASN B 163 -17.02 -6.65 -1.88
CA ASN B 163 -16.26 -7.86 -1.64
C ASN B 163 -14.83 -7.65 -2.11
N PHE B 164 -13.96 -8.57 -1.73
CA PHE B 164 -12.60 -8.57 -2.24
C PHE B 164 -12.57 -9.11 -3.66
N CYS B 165 -11.56 -8.67 -4.41
CA CYS B 165 -11.21 -9.28 -5.70
C CYS B 165 -9.71 -9.53 -5.73
N PRO B 166 -9.23 -10.59 -5.07
CA PRO B 166 -7.80 -10.85 -4.99
C PRO B 166 -7.29 -11.62 -6.19
N VAL B 167 -6.34 -11.03 -6.91
CA VAL B 167 -5.72 -11.66 -8.05
C VAL B 167 -4.39 -12.27 -7.61
N ASP B 168 -4.17 -13.55 -7.97
CA ASP B 168 -3.17 -14.37 -7.29
C ASP B 168 -1.74 -13.99 -7.62
N TYR B 169 -1.46 -13.54 -8.85
CA TYR B 169 -0.11 -13.06 -9.14
C TYR B 169 0.14 -11.69 -8.55
N LEU B 170 -0.92 -10.93 -8.26
CA LEU B 170 -0.80 -9.67 -7.54
C LEU B 170 -0.97 -9.85 -6.04
N PHE B 171 -1.12 -11.10 -5.56
CA PHE B 171 -1.15 -11.51 -4.16
C PHE B 171 -2.31 -10.90 -3.36
N GLY B 172 -3.34 -10.39 -4.05
CA GLY B 172 -4.42 -9.66 -3.45
C GLY B 172 -4.12 -8.24 -3.04
N SER B 173 -2.88 -7.78 -3.19
CA SER B 173 -2.48 -6.48 -2.67
C SER B 173 -1.59 -5.70 -3.63
N GLY B 174 -1.45 -6.14 -4.87
CA GLY B 174 -0.66 -5.40 -5.84
C GLY B 174 0.83 -5.59 -5.74
N VAL B 175 1.30 -6.67 -5.12
CA VAL B 175 2.71 -6.99 -5.04
C VAL B 175 2.93 -8.29 -5.81
N LEU B 176 4.11 -8.44 -6.41
CA LEU B 176 4.39 -9.64 -7.19
C LEU B 176 4.59 -10.85 -6.29
N VAL B 177 3.98 -11.97 -6.69
CA VAL B 177 3.88 -13.16 -5.84
C VAL B 177 5.22 -13.89 -5.70
N GLY B 178 6.18 -13.62 -6.60
CA GLY B 178 7.51 -14.15 -6.43
C GLY B 178 8.27 -13.50 -5.29
N ASN B 179 7.89 -12.28 -4.93
CA ASN B 179 8.50 -11.54 -3.83
C ASN B 179 7.75 -11.72 -2.52
N ALA B 180 6.76 -12.62 -2.48
CA ALA B 180 6.01 -12.92 -1.26
C ALA B 180 6.77 -13.87 -0.33
N PHE B 181 7.95 -14.33 -0.74
CA PHE B 181 8.79 -15.24 0.03
C PHE B 181 9.60 -14.54 1.11
N VAL B 182 9.54 -13.20 1.18
CA VAL B 182 10.10 -12.46 2.30
C VAL B 182 9.23 -12.61 3.55
N TYR B 183 7.96 -13.00 3.39
CA TYR B 183 7.15 -13.45 4.50
C TYR B 183 7.62 -14.83 4.98
N PRO B 184 7.37 -15.18 6.24
CA PRO B 184 7.68 -16.54 6.70
C PRO B 184 6.79 -17.57 6.01
N HIS B 185 7.43 -18.62 5.49
CA HIS B 185 6.77 -19.46 4.51
C HIS B 185 7.34 -20.87 4.55
N GLN B 186 6.56 -21.81 4.00
CA GLN B 186 7.03 -23.13 3.67
C GLN B 186 6.32 -23.58 2.40
N ILE B 187 6.95 -24.51 1.68
CA ILE B 187 6.43 -25.03 0.42
C ILE B 187 6.10 -26.51 0.63
N ILE B 188 4.88 -26.89 0.24
CA ILE B 188 4.49 -28.29 0.20
C ILE B 188 4.69 -28.75 -1.23
N ASN B 189 5.78 -29.49 -1.46
CA ASN B 189 6.06 -30.11 -2.75
C ASN B 189 5.77 -31.59 -2.62
N LEU B 190 4.95 -32.13 -3.53
CA LEU B 190 4.35 -33.45 -3.35
C LEU B 190 5.35 -34.60 -3.52
N ARG B 191 6.49 -34.36 -4.16
CA ARG B 191 7.56 -35.35 -4.17
C ARG B 191 8.44 -35.25 -2.93
N THR B 192 8.25 -34.22 -2.11
CA THR B 192 9.17 -33.93 -1.02
C THR B 192 8.51 -34.01 0.35
N ASN B 193 7.39 -33.31 0.56
CA ASN B 193 6.77 -33.27 1.86
C ASN B 193 5.26 -33.15 1.71
N ASN B 194 4.53 -33.64 2.72
CA ASN B 194 3.08 -33.59 2.69
C ASN B 194 2.51 -32.61 3.70
N CYS B 195 3.35 -31.86 4.40
CA CYS B 195 2.83 -30.96 5.42
C CYS B 195 3.74 -29.74 5.57
N ALA B 196 3.16 -28.68 6.11
CA ALA B 196 3.88 -27.45 6.41
C ALA B 196 3.48 -26.96 7.78
N THR B 197 4.46 -26.56 8.58
CA THR B 197 4.23 -26.11 9.94
C THR B 197 4.84 -24.73 10.11
N LEU B 198 4.02 -23.76 10.52
CA LEU B 198 4.47 -22.40 10.79
C LEU B 198 4.07 -22.03 12.21
N VAL B 199 5.04 -21.57 12.99
CA VAL B 199 4.81 -21.09 14.35
C VAL B 199 4.89 -19.58 14.30
N LEU B 200 3.76 -18.92 14.57
CA LEU B 200 3.64 -17.47 14.41
C LEU B 200 3.53 -16.80 15.76
N PRO B 201 4.45 -15.92 16.15
CA PRO B 201 4.27 -15.15 17.36
C PRO B 201 3.26 -14.02 17.17
N TYR B 202 2.94 -13.35 18.26
CA TYR B 202 2.06 -12.19 18.20
C TYR B 202 2.82 -11.01 17.61
N VAL B 203 2.39 -10.55 16.45
CA VAL B 203 3.03 -9.44 15.75
C VAL B 203 2.01 -8.34 15.57
N ASN B 204 2.27 -7.20 16.22
CA ASN B 204 1.42 -6.02 16.14
C ASN B 204 2.25 -4.83 16.61
N SER B 205 1.71 -3.64 16.40
CA SER B 205 2.27 -2.40 16.93
C SER B 205 1.79 -2.10 18.34
N LEU B 206 1.02 -3.01 18.94
CA LEU B 206 0.54 -2.92 20.30
C LEU B 206 0.85 -4.21 21.01
N SER B 207 0.88 -4.15 22.34
CA SER B 207 1.07 -5.37 23.14
C SER B 207 -0.17 -6.26 23.10
N ILE B 208 -1.35 -5.65 23.03
CA ILE B 208 -2.61 -6.39 22.91
C ILE B 208 -3.57 -5.50 22.14
N ASP B 209 -4.46 -6.12 21.37
CA ASP B 209 -5.39 -5.39 20.51
C ASP B 209 -6.73 -6.08 20.54
N SER B 210 -7.74 -5.40 19.98
CA SER B 210 -9.07 -5.99 19.84
C SER B 210 -9.06 -7.02 18.72
N MET B 211 -9.37 -8.27 19.07
CA MET B 211 -9.34 -9.35 18.09
C MET B 211 -10.52 -9.30 17.14
N THR B 212 -11.66 -8.77 17.60
CA THR B 212 -12.85 -8.71 16.74
C THR B 212 -12.74 -7.62 15.69
N LYS B 213 -11.97 -6.57 15.96
CA LYS B 213 -11.82 -5.49 15.00
C LYS B 213 -10.64 -5.69 14.07
N HIS B 214 -9.60 -6.41 14.51
CA HIS B 214 -8.31 -6.42 13.84
C HIS B 214 -7.82 -7.85 13.66
N ASN B 215 -7.31 -8.15 12.46
CA ASN B 215 -6.67 -9.42 12.16
C ASN B 215 -5.17 -9.23 12.11
N ASN B 216 -4.43 -10.01 12.90
CA ASN B 216 -2.99 -9.88 12.98
C ASN B 216 -2.26 -10.63 11.88
N TRP B 217 -2.73 -11.82 11.52
CA TRP B 217 -2.06 -12.68 10.56
C TRP B 217 -3.02 -13.10 9.46
N GLY B 218 -2.45 -13.37 8.31
CA GLY B 218 -3.19 -13.97 7.20
C GLY B 218 -2.41 -15.10 6.60
N ILE B 219 -3.12 -16.19 6.29
CA ILE B 219 -2.51 -17.39 5.73
C ILE B 219 -2.98 -17.52 4.30
N ALA B 220 -2.04 -17.57 3.37
CA ALA B 220 -2.33 -17.66 1.94
C ALA B 220 -1.75 -18.95 1.39
N ILE B 221 -2.59 -19.75 0.73
CA ILE B 221 -2.17 -20.97 0.07
C ILE B 221 -2.32 -20.75 -1.43
N LEU B 222 -1.20 -20.79 -2.14
CA LEU B 222 -1.22 -20.60 -3.59
C LEU B 222 -0.50 -21.72 -4.29
N PRO B 223 -1.09 -22.29 -5.35
CA PRO B 223 -0.37 -23.31 -6.12
C PRO B 223 0.76 -22.73 -6.97
N LEU B 224 2.00 -22.97 -6.51
CA LEU B 224 3.17 -22.54 -7.26
C LEU B 224 3.37 -23.38 -8.51
N ALA B 225 3.07 -24.67 -8.43
CA ALA B 225 3.04 -25.56 -9.58
C ALA B 225 1.67 -26.24 -9.63
N PRO B 226 1.08 -26.39 -10.81
CA PRO B 226 -0.26 -26.97 -10.89
C PRO B 226 -0.27 -28.48 -10.67
N LEU B 227 -1.43 -28.98 -10.26
CA LEU B 227 -1.61 -30.41 -9.99
C LEU B 227 -1.74 -31.18 -11.29
N ASP B 228 -1.08 -32.33 -11.35
CA ASP B 228 -1.16 -33.20 -12.51
C ASP B 228 -1.04 -34.64 -12.04
N PHE B 229 -1.75 -35.55 -12.71
CA PHE B 229 -1.71 -36.96 -12.33
C PHE B 229 -2.04 -37.82 -13.54
N ALA B 230 -1.01 -38.51 -14.06
CA ALA B 230 -1.11 -39.68 -14.94
C ALA B 230 -1.76 -39.41 -16.29
N THR B 231 -1.81 -38.14 -16.70
CA THR B 231 -2.40 -37.63 -17.96
C THR B 231 -3.87 -38.06 -18.16
N GLU B 232 -4.62 -38.20 -17.07
CA GLU B 232 -6.01 -38.61 -17.17
C GLU B 232 -6.90 -37.37 -17.22
N SER B 233 -8.21 -37.59 -17.17
CA SER B 233 -9.18 -36.52 -17.44
C SER B 233 -9.28 -35.54 -16.27
N SER B 234 -9.33 -36.03 -15.04
CA SER B 234 -9.52 -35.14 -13.89
C SER B 234 -8.84 -35.73 -12.65
N THR B 235 -8.40 -34.83 -11.77
CA THR B 235 -7.88 -35.22 -10.47
C THR B 235 -8.20 -34.11 -9.48
N GLU B 236 -8.27 -34.49 -8.20
CA GLU B 236 -8.74 -33.60 -7.14
C GLU B 236 -8.24 -34.16 -5.81
N ILE B 237 -7.34 -33.43 -5.15
CA ILE B 237 -6.82 -33.88 -3.85
C ILE B 237 -7.22 -32.84 -2.80
N PRO B 238 -7.40 -33.23 -1.53
CA PRO B 238 -7.83 -32.26 -0.52
C PRO B 238 -6.68 -31.62 0.25
N ILE B 239 -6.98 -30.43 0.78
CA ILE B 239 -6.08 -29.67 1.64
C ILE B 239 -6.81 -29.38 2.94
N THR B 240 -6.18 -29.69 4.07
CA THR B 240 -6.78 -29.53 5.40
C THR B 240 -5.89 -28.63 6.24
N LEU B 241 -6.49 -27.62 6.86
CA LEU B 241 -5.79 -26.73 7.78
C LEU B 241 -6.07 -27.14 9.22
N THR B 242 -5.07 -27.00 10.08
CA THR B 242 -5.22 -27.23 11.50
C THR B 242 -4.44 -26.16 12.25
N ILE B 243 -5.13 -25.28 12.96
CA ILE B 243 -4.55 -24.09 13.58
C ILE B 243 -4.75 -24.19 15.09
N ALA B 244 -3.69 -23.95 15.85
CA ALA B 244 -3.76 -23.91 17.29
C ALA B 244 -3.34 -22.54 17.80
N PRO B 245 -4.15 -21.89 18.62
CA PRO B 245 -3.70 -20.69 19.31
C PRO B 245 -2.64 -21.02 20.36
N MET B 246 -1.75 -20.07 20.61
CA MET B 246 -0.71 -20.23 21.63
C MET B 246 -0.62 -18.96 22.45
N CYS B 247 -0.49 -19.14 23.77
CA CYS B 247 -0.30 -18.09 24.78
C CYS B 247 -1.43 -17.05 24.77
N CYS B 248 -2.65 -17.54 24.93
CA CYS B 248 -3.82 -16.66 24.90
C CYS B 248 -3.95 -15.89 26.21
N GLU B 249 -4.24 -14.59 26.09
CA GLU B 249 -4.65 -13.80 27.24
C GLU B 249 -5.63 -12.75 26.77
N PHE B 250 -6.62 -12.49 27.62
CA PHE B 250 -7.74 -11.61 27.33
C PHE B 250 -7.95 -10.72 28.55
N ASN B 251 -8.29 -9.44 28.33
CA ASN B 251 -8.36 -8.51 29.45
C ASN B 251 -9.76 -7.99 29.74
N GLY B 252 -10.41 -7.30 28.81
CA GLY B 252 -11.60 -6.56 29.17
C GLY B 252 -12.92 -7.30 29.06
N LEU B 253 -13.40 -7.85 30.17
CA LEU B 253 -14.57 -8.71 30.17
C LEU B 253 -15.85 -7.89 30.25
N ARG B 254 -16.77 -8.15 29.33
CA ARG B 254 -18.07 -7.49 29.29
C ARG B 254 -19.04 -8.48 28.65
N ASN B 255 -20.22 -8.00 28.25
CA ASN B 255 -21.23 -8.83 27.62
C ASN B 255 -20.81 -9.25 26.21
N ILE B 256 -21.62 -10.14 25.62
CA ILE B 256 -21.24 -10.86 24.41
C ILE B 256 -21.29 -9.94 23.20
N THR B 257 -20.37 -10.16 22.27
CA THR B 257 -20.38 -9.49 20.98
C THR B 257 -20.97 -10.45 19.96
N VAL B 258 -22.10 -10.08 19.38
CA VAL B 258 -22.69 -10.80 18.27
C VAL B 258 -22.53 -9.93 17.03
N PRO B 259 -21.55 -10.23 16.17
CA PRO B 259 -21.37 -9.45 14.95
C PRO B 259 -22.46 -9.72 13.94
N ARG B 260 -22.71 -8.71 13.10
CA ARG B 260 -23.70 -8.83 12.05
C ARG B 260 -23.17 -9.72 10.93
N THR B 261 -23.99 -10.69 10.52
CA THR B 261 -23.66 -11.60 9.43
C THR B 261 -24.79 -11.60 8.43
N GLN B 262 -24.45 -11.46 7.14
CA GLN B 262 -25.44 -11.52 6.07
C GLN B 262 -24.79 -11.99 4.79
N GLY C 1 28.92 40.29 20.59
CA GLY C 1 28.91 40.06 19.16
C GLY C 1 30.16 39.38 18.63
N LEU C 2 30.08 38.07 18.44
CA LEU C 2 31.19 37.32 17.86
C LEU C 2 31.26 37.57 16.36
N PRO C 3 32.41 37.97 15.82
CA PRO C 3 32.51 38.21 14.37
C PRO C 3 32.51 36.91 13.59
N VAL C 4 31.56 36.78 12.66
CA VAL C 4 31.40 35.58 11.85
C VAL C 4 31.41 35.97 10.39
N LEU C 5 31.66 34.98 9.53
CA LEU C 5 31.65 35.16 8.09
C LEU C 5 30.79 34.08 7.47
N ASN C 6 29.92 34.46 6.55
CA ASN C 6 29.00 33.53 5.92
C ASN C 6 29.69 32.86 4.72
N THR C 7 29.88 31.55 4.82
CA THR C 7 30.47 30.78 3.75
C THR C 7 29.48 30.60 2.60
N PRO C 8 29.95 30.35 1.38
CA PRO C 8 29.05 29.93 0.31
C PRO C 8 28.41 28.57 0.62
N GLY C 9 27.18 28.42 0.16
CA GLY C 9 26.32 27.35 0.62
C GLY C 9 25.42 27.73 1.77
N SER C 10 25.44 28.99 2.20
CA SER C 10 24.50 29.45 3.21
C SER C 10 23.11 29.64 2.59
N ASN C 11 22.09 29.50 3.44
CA ASN C 11 20.65 29.66 3.14
C ASN C 11 20.14 28.69 2.07
N GLN C 12 20.81 27.56 1.89
CA GLN C 12 20.36 26.57 0.94
C GLN C 12 19.61 25.46 1.66
N TYR C 13 18.84 24.71 0.88
CA TYR C 13 18.20 23.50 1.36
C TYR C 13 18.75 22.36 0.53
N LEU C 14 19.61 21.55 1.15
CA LEU C 14 20.05 20.29 0.60
C LEU C 14 19.12 19.22 1.17
N THR C 15 18.67 18.32 0.31
CA THR C 15 17.72 17.30 0.74
C THR C 15 18.38 16.25 1.64
N ALA C 16 19.69 16.06 1.51
CA ALA C 16 20.42 15.07 2.29
C ALA C 16 21.26 15.68 3.41
N ASP C 17 20.77 16.76 4.05
CA ASP C 17 21.58 17.32 5.13
C ASP C 17 21.39 16.53 6.43
N ASN C 18 22.19 16.88 7.43
CA ASN C 18 22.12 16.28 8.74
C ASN C 18 22.23 17.35 9.82
N TYR C 19 21.44 18.42 9.68
CA TYR C 19 21.48 19.52 10.63
C TYR C 19 20.44 19.31 11.73
N GLN C 20 20.65 20.02 12.84
CA GLN C 20 19.67 20.06 13.92
C GLN C 20 18.59 21.08 13.60
N SER C 21 17.48 20.98 14.34
CA SER C 21 16.29 21.76 14.03
C SER C 21 15.48 21.93 15.31
N PRO C 22 14.76 23.04 15.48
CA PRO C 22 13.90 23.20 16.65
C PRO C 22 12.68 22.28 16.58
N CYS C 23 12.12 22.02 17.76
CA CYS C 23 11.02 21.07 17.90
C CYS C 23 9.70 21.80 18.03
N ALA C 24 8.69 21.35 17.28
CA ALA C 24 7.38 21.96 17.33
C ALA C 24 6.60 21.57 18.56
N ILE C 25 6.79 20.36 19.07
CA ILE C 25 6.09 19.88 20.26
C ILE C 25 7.15 19.57 21.33
N PRO C 26 7.53 20.53 22.17
CA PRO C 26 8.48 20.23 23.23
C PRO C 26 7.84 19.50 24.40
N GLU C 27 8.69 18.81 25.16
CA GLU C 27 8.37 18.04 26.37
C GLU C 27 7.34 16.94 26.10
N PHE C 28 7.40 16.34 24.92
CA PHE C 28 6.46 15.29 24.55
C PHE C 28 6.88 13.96 25.19
N ASP C 29 5.92 13.25 25.75
CA ASP C 29 6.15 11.93 26.33
C ASP C 29 5.99 10.92 25.21
N VAL C 30 7.11 10.42 24.69
CA VAL C 30 7.10 9.45 23.61
C VAL C 30 6.70 8.09 24.18
N THR C 31 5.79 7.41 23.48
CA THR C 31 5.38 6.05 23.84
C THR C 31 6.57 5.11 23.72
N PRO C 32 6.87 4.31 24.77
CA PRO C 32 8.09 3.51 24.74
C PRO C 32 7.95 2.31 23.82
N PRO C 33 9.03 1.86 23.20
CA PRO C 33 8.93 0.77 22.24
C PRO C 33 8.80 -0.59 22.91
N ILE C 34 8.34 -1.56 22.12
CA ILE C 34 8.24 -2.95 22.55
C ILE C 34 9.02 -3.81 21.57
N ASP C 35 9.21 -5.07 21.96
CA ASP C 35 10.02 -6.00 21.16
C ASP C 35 9.11 -6.65 20.12
N ILE C 36 8.87 -5.91 19.04
CA ILE C 36 8.16 -6.47 17.88
C ILE C 36 9.11 -7.40 17.13
N PRO C 37 8.68 -8.61 16.74
CA PRO C 37 9.58 -9.53 16.05
C PRO C 37 9.91 -9.09 14.63
N GLY C 38 11.15 -9.35 14.22
CA GLY C 38 11.56 -9.19 12.85
C GLY C 38 12.23 -7.89 12.46
N GLU C 39 12.94 -7.24 13.38
CA GLU C 39 13.48 -5.90 13.15
C GLU C 39 14.58 -5.89 12.10
N VAL C 40 14.41 -5.01 11.11
CA VAL C 40 15.32 -4.90 9.97
C VAL C 40 16.23 -3.71 10.21
N ARG C 41 17.54 -3.95 10.21
CA ARG C 41 18.51 -2.88 10.36
C ARG C 41 19.29 -2.58 9.08
N ASN C 42 19.30 -3.50 8.13
CA ASN C 42 20.00 -3.32 6.87
C ASN C 42 19.14 -3.85 5.73
N MET C 43 19.23 -3.21 4.57
CA MET C 43 18.49 -3.66 3.40
C MET C 43 19.05 -4.94 2.81
N MET C 44 20.33 -5.23 3.07
CA MET C 44 20.98 -6.44 2.58
C MET C 44 20.59 -7.68 3.36
N GLU C 45 19.91 -7.53 4.50
CA GLU C 45 19.25 -8.67 5.13
C GLU C 45 18.07 -9.16 4.30
N LEU C 46 17.47 -8.28 3.49
CA LEU C 46 16.31 -8.65 2.69
C LEU C 46 16.68 -9.14 1.31
N ALA C 47 17.85 -8.74 0.80
CA ALA C 47 18.32 -9.23 -0.49
C ALA C 47 18.89 -10.63 -0.41
N GLU C 48 19.17 -11.14 0.79
CA GLU C 48 19.69 -12.48 0.99
C GLU C 48 18.59 -13.54 1.11
N ILE C 49 17.36 -13.22 0.71
CA ILE C 49 16.22 -14.13 0.80
C ILE C 49 15.86 -14.56 -0.61
N ASP C 50 15.60 -15.86 -0.79
CA ASP C 50 15.23 -16.40 -2.10
C ASP C 50 13.86 -15.89 -2.53
N THR C 51 13.80 -15.33 -3.73
CA THR C 51 12.56 -14.87 -4.34
C THR C 51 12.47 -15.42 -5.75
N MET C 52 11.25 -15.74 -6.19
CA MET C 52 11.05 -16.38 -7.48
C MET C 52 11.28 -15.41 -8.64
N ILE C 53 11.75 -15.95 -9.74
CA ILE C 53 12.12 -15.20 -10.93
C ILE C 53 11.05 -15.42 -11.99
N PRO C 54 10.48 -14.36 -12.56
CA PRO C 54 9.59 -14.53 -13.71
C PRO C 54 10.35 -14.88 -14.98
N LEU C 55 10.68 -16.17 -15.14
CA LEU C 55 11.57 -16.60 -16.20
C LEU C 55 10.88 -16.63 -17.56
N ASN C 56 9.63 -17.06 -17.62
CA ASN C 56 8.95 -17.31 -18.89
C ASN C 56 8.05 -16.12 -19.21
N LEU C 57 8.61 -15.10 -19.84
CA LEU C 57 7.89 -13.87 -20.16
C LEU C 57 7.33 -13.87 -21.58
N THR C 58 6.92 -15.04 -22.05
CA THR C 58 6.19 -15.16 -23.31
C THR C 58 4.83 -14.51 -23.19
N SER C 59 4.28 -14.06 -24.34
CA SER C 59 3.12 -13.18 -24.38
C SER C 59 1.84 -13.84 -23.84
N GLN C 60 1.70 -15.15 -24.00
CA GLN C 60 0.61 -15.85 -23.34
C GLN C 60 0.95 -16.27 -21.92
N ARG C 61 2.23 -16.27 -21.55
CA ARG C 61 2.67 -16.70 -20.23
C ARG C 61 2.89 -15.56 -19.25
N LYS C 62 3.17 -14.34 -19.74
CA LYS C 62 3.50 -13.22 -18.86
C LYS C 62 2.25 -12.69 -18.17
N ASN C 63 2.47 -12.12 -16.96
CA ASN C 63 1.48 -11.45 -16.11
C ASN C 63 0.34 -12.40 -15.74
N THR C 64 0.70 -13.66 -15.55
CA THR C 64 -0.15 -14.74 -15.08
C THR C 64 0.75 -15.53 -14.15
N MET C 65 0.21 -16.58 -13.53
CA MET C 65 1.06 -17.45 -12.70
C MET C 65 1.99 -18.33 -13.53
N ASP C 66 1.79 -18.43 -14.84
CA ASP C 66 2.60 -19.28 -15.71
C ASP C 66 4.01 -18.74 -15.93
N MET C 67 4.26 -17.46 -15.63
CA MET C 67 5.54 -16.86 -15.95
C MET C 67 6.66 -17.27 -15.01
N TYR C 68 6.35 -17.85 -13.86
CA TYR C 68 7.37 -18.33 -12.95
C TYR C 68 7.78 -19.76 -13.23
N ARG C 69 7.10 -20.45 -14.16
CA ARG C 69 7.28 -21.87 -14.38
C ARG C 69 7.88 -22.12 -15.75
N VAL C 70 8.94 -22.92 -15.79
CA VAL C 70 9.57 -23.34 -17.03
C VAL C 70 9.34 -24.83 -17.18
N GLU C 71 8.81 -25.23 -18.34
CA GLU C 71 8.30 -26.59 -18.54
C GLU C 71 9.41 -27.49 -19.07
N LEU C 72 9.75 -28.52 -18.29
CA LEU C 72 10.64 -29.59 -18.69
C LEU C 72 9.84 -30.75 -19.27
N SER C 73 10.49 -31.58 -20.08
CA SER C 73 9.77 -32.62 -20.80
C SER C 73 10.54 -33.93 -20.80
N ASP C 74 9.85 -34.98 -21.21
CA ASP C 74 10.37 -36.35 -21.28
C ASP C 74 11.09 -36.64 -22.60
N THR C 75 11.14 -35.66 -23.51
CA THR C 75 11.62 -35.88 -24.87
C THR C 75 13.13 -36.10 -24.91
N ALA C 76 13.61 -36.46 -26.09
CA ALA C 76 14.97 -36.95 -26.29
C ALA C 76 16.00 -35.84 -26.08
N HIS C 77 17.25 -36.27 -25.91
CA HIS C 77 18.31 -35.38 -25.49
C HIS C 77 18.72 -34.41 -26.60
N SER C 78 18.86 -33.14 -26.23
CA SER C 78 19.31 -32.11 -27.14
C SER C 78 20.18 -31.13 -26.36
N ASP C 79 21.06 -30.44 -27.08
CA ASP C 79 21.93 -29.45 -26.48
C ASP C 79 21.38 -28.04 -26.57
N THR C 80 20.10 -27.90 -26.91
CA THR C 80 19.45 -26.60 -26.89
C THR C 80 19.19 -26.16 -25.44
N PRO C 81 19.27 -24.86 -25.15
CA PRO C 81 19.07 -24.40 -23.77
C PRO C 81 17.61 -24.42 -23.34
N ILE C 82 17.42 -24.53 -22.03
CA ILE C 82 16.10 -24.49 -21.41
C ILE C 82 15.70 -23.05 -21.08
N LEU C 83 16.56 -22.33 -20.37
CA LEU C 83 16.34 -20.91 -20.11
C LEU C 83 17.65 -20.16 -20.32
N CYS C 84 17.53 -18.85 -20.47
CA CYS C 84 18.65 -17.96 -20.70
C CYS C 84 18.46 -16.67 -19.90
N LEU C 85 19.52 -16.25 -19.21
CA LEU C 85 19.53 -15.02 -18.42
C LEU C 85 20.75 -14.21 -18.80
N SER C 86 20.63 -12.88 -18.75
CA SER C 86 21.70 -12.00 -19.18
C SER C 86 22.53 -11.44 -18.05
N LEU C 87 22.22 -11.82 -16.80
CA LEU C 87 22.82 -11.36 -15.54
C LEU C 87 22.93 -9.84 -15.44
N SER C 88 21.79 -9.19 -15.45
CA SER C 88 21.69 -7.78 -15.05
C SER C 88 20.65 -7.78 -13.96
N PRO C 89 21.05 -7.78 -12.68
CA PRO C 89 20.07 -7.97 -11.58
C PRO C 89 19.05 -6.87 -11.42
N ALA C 90 19.32 -5.68 -11.95
CA ALA C 90 18.28 -4.80 -12.46
C ALA C 90 18.55 -4.55 -13.94
N SER C 91 17.48 -4.16 -14.65
CA SER C 91 17.30 -3.85 -16.08
C SER C 91 17.26 -5.08 -16.99
N ASP C 92 17.47 -6.29 -16.50
CA ASP C 92 16.90 -7.44 -17.18
C ASP C 92 15.44 -7.53 -16.79
N PRO C 93 14.51 -7.75 -17.72
CA PRO C 93 13.08 -7.78 -17.37
C PRO C 93 12.65 -8.96 -16.49
N ARG C 94 13.48 -10.00 -16.36
CA ARG C 94 13.17 -11.08 -15.44
C ARG C 94 13.69 -10.79 -14.03
N LEU C 95 14.92 -10.30 -13.92
CA LEU C 95 15.56 -10.15 -12.63
C LEU C 95 15.27 -8.83 -11.93
N ALA C 96 14.79 -7.79 -12.65
CA ALA C 96 14.65 -6.48 -12.02
C ALA C 96 13.43 -6.39 -11.11
N HIS C 97 12.45 -7.25 -11.30
CA HIS C 97 11.26 -7.24 -10.47
C HIS C 97 11.28 -8.35 -9.42
N THR C 98 12.43 -8.96 -9.18
CA THR C 98 12.67 -9.68 -7.96
C THR C 98 13.01 -8.70 -6.84
N MET C 99 12.99 -9.20 -5.59
CA MET C 99 13.23 -8.36 -4.42
C MET C 99 14.66 -7.84 -4.38
N LEU C 100 15.62 -8.67 -4.84
CA LEU C 100 16.98 -8.21 -5.10
C LEU C 100 17.00 -7.13 -6.17
N GLY C 101 16.21 -7.31 -7.23
CA GLY C 101 16.12 -6.29 -8.27
C GLY C 101 15.43 -5.03 -7.82
N GLU C 102 14.41 -5.15 -6.98
CA GLU C 102 13.69 -3.98 -6.49
C GLU C 102 14.51 -3.21 -5.46
N ILE C 103 15.34 -3.89 -4.67
CA ILE C 103 16.28 -3.16 -3.81
C ILE C 103 17.37 -2.51 -4.65
N LEU C 104 17.87 -3.22 -5.68
CA LEU C 104 18.96 -2.71 -6.50
C LEU C 104 18.53 -1.61 -7.47
N ASN C 105 17.22 -1.46 -7.71
CA ASN C 105 16.75 -0.33 -8.50
C ASN C 105 16.78 0.98 -7.73
N TYR C 106 16.91 0.94 -6.41
CA TYR C 106 17.12 2.14 -5.61
C TYR C 106 18.58 2.52 -5.49
N TYR C 107 19.49 1.82 -6.18
CA TYR C 107 20.91 2.07 -6.07
C TYR C 107 21.54 2.06 -7.46
N THR C 108 22.70 2.72 -7.57
CA THR C 108 23.41 2.81 -8.83
C THR C 108 24.52 1.78 -8.98
N HIS C 109 25.15 1.38 -7.89
CA HIS C 109 26.29 0.46 -7.92
C HIS C 109 25.98 -0.75 -7.06
N TRP C 110 26.37 -1.93 -7.55
CA TRP C 110 26.24 -3.16 -6.79
C TRP C 110 27.50 -3.98 -6.94
N ALA C 111 27.79 -4.77 -5.91
CA ALA C 111 28.91 -5.69 -5.93
C ALA C 111 28.59 -6.87 -5.04
N GLY C 112 29.17 -8.02 -5.35
CA GLY C 112 29.01 -9.21 -4.53
C GLY C 112 28.56 -10.41 -5.36
N SER C 113 28.46 -11.54 -4.67
CA SER C 113 28.11 -12.81 -5.28
C SER C 113 26.61 -13.06 -5.19
N LEU C 114 26.12 -13.90 -6.10
CA LEU C 114 24.70 -14.21 -6.18
C LEU C 114 24.48 -15.71 -6.13
N LYS C 115 23.35 -16.11 -5.54
CA LYS C 115 22.94 -17.50 -5.45
C LYS C 115 21.69 -17.71 -6.29
N PHE C 116 21.74 -18.70 -7.17
CA PHE C 116 20.60 -19.08 -8.00
C PHE C 116 20.17 -20.48 -7.59
N THR C 117 18.94 -20.60 -7.09
CA THR C 117 18.40 -21.86 -6.58
C THR C 117 17.22 -22.29 -7.44
N PHE C 118 17.27 -23.51 -7.96
CA PHE C 118 16.23 -24.04 -8.83
C PHE C 118 15.55 -25.21 -8.13
N LEU C 119 14.23 -25.16 -8.05
CA LEU C 119 13.44 -26.17 -7.35
C LEU C 119 12.68 -27.02 -8.35
N PHE C 120 12.79 -28.34 -8.22
CA PHE C 120 12.14 -29.29 -9.11
C PHE C 120 10.78 -29.67 -8.55
N CYS C 121 9.74 -29.51 -9.37
CA CYS C 121 8.36 -29.69 -8.95
C CYS C 121 7.68 -30.83 -9.71
N GLY C 122 8.45 -31.83 -10.13
CA GLY C 122 7.91 -33.01 -10.76
C GLY C 122 7.51 -34.06 -9.74
N SER C 123 7.23 -35.26 -10.26
CA SER C 123 6.86 -36.39 -9.41
C SER C 123 8.09 -36.98 -8.72
N MET C 124 7.83 -37.88 -7.76
CA MET C 124 8.90 -38.59 -7.09
C MET C 124 9.58 -39.60 -8.02
N MET C 125 8.81 -40.20 -8.93
CA MET C 125 9.36 -41.15 -9.89
C MET C 125 10.15 -40.47 -11.00
N ALA C 126 10.00 -39.17 -11.19
CA ALA C 126 10.77 -38.45 -12.21
C ALA C 126 12.22 -38.30 -11.78
N THR C 127 13.14 -38.63 -12.67
CA THR C 127 14.57 -38.63 -12.40
C THR C 127 15.31 -38.09 -13.61
N GLY C 128 16.24 -37.17 -13.37
CA GLY C 128 17.06 -36.64 -14.45
C GLY C 128 18.16 -35.78 -13.87
N LYS C 129 19.06 -35.34 -14.76
CA LYS C 129 20.14 -34.47 -14.37
C LYS C 129 20.08 -33.19 -15.22
N LEU C 130 20.68 -32.13 -14.70
CA LEU C 130 20.65 -30.82 -15.33
C LEU C 130 21.99 -30.13 -15.17
N LEU C 131 22.31 -29.25 -16.12
CA LEU C 131 23.54 -28.47 -16.11
C LEU C 131 23.20 -27.00 -16.05
N VAL C 132 23.56 -26.34 -14.94
CA VAL C 132 23.30 -24.91 -14.75
C VAL C 132 24.65 -24.20 -14.83
N SER C 133 24.78 -23.28 -15.78
CA SER C 133 26.07 -22.72 -16.14
C SER C 133 26.06 -21.20 -16.01
N TYR C 134 27.23 -20.65 -15.71
CA TYR C 134 27.49 -19.22 -15.73
C TYR C 134 28.70 -18.95 -16.62
N ALA C 135 28.53 -18.05 -17.58
CA ALA C 135 29.60 -17.66 -18.49
C ALA C 135 29.99 -16.22 -18.22
N PRO C 136 31.24 -15.94 -17.85
CA PRO C 136 31.68 -14.56 -17.75
C PRO C 136 31.73 -13.89 -19.11
N PRO C 137 31.53 -12.55 -19.19
CA PRO C 137 31.36 -11.90 -20.49
C PRO C 137 32.65 -11.75 -21.30
N GLY C 138 32.51 -11.18 -22.49
CA GLY C 138 33.62 -11.05 -23.40
C GLY C 138 33.67 -12.08 -24.50
N ALA C 139 32.66 -12.93 -24.62
CA ALA C 139 32.64 -13.97 -25.63
C ALA C 139 31.22 -14.09 -26.18
N GLU C 140 31.04 -15.01 -27.11
CA GLU C 140 29.71 -15.31 -27.61
C GLU C 140 28.89 -16.01 -26.54
N ALA C 141 27.61 -15.64 -26.46
CA ALA C 141 26.71 -16.25 -25.50
C ALA C 141 26.46 -17.71 -25.86
N PRO C 142 26.53 -18.64 -24.89
CA PRO C 142 26.49 -20.07 -25.23
C PRO C 142 25.11 -20.54 -25.65
N LYS C 143 25.03 -21.04 -26.88
CA LYS C 143 23.80 -21.60 -27.43
C LYS C 143 23.81 -23.11 -27.46
N SER C 144 24.84 -23.74 -26.87
CA SER C 144 24.93 -25.19 -26.84
C SER C 144 25.61 -25.60 -25.53
N ARG C 145 25.48 -26.90 -25.22
CA ARG C 145 26.08 -27.42 -23.99
C ARG C 145 27.60 -27.46 -24.07
N LYS C 146 28.15 -27.63 -25.28
CA LYS C 146 29.59 -27.68 -25.48
C LYS C 146 30.26 -26.34 -25.19
N GLU C 147 29.55 -25.23 -25.45
CA GLU C 147 30.10 -23.92 -25.15
C GLU C 147 29.99 -23.58 -23.67
N ALA C 148 28.87 -23.93 -23.04
CA ALA C 148 28.64 -23.59 -21.64
C ALA C 148 29.28 -24.57 -20.67
N MET C 149 29.84 -25.67 -21.15
CA MET C 149 30.62 -26.55 -20.29
C MET C 149 31.92 -25.89 -19.85
N LEU C 150 32.47 -24.99 -20.67
CA LEU C 150 33.76 -24.36 -20.40
C LEU C 150 33.69 -23.34 -19.28
N GLY C 151 32.51 -22.81 -18.98
CA GLY C 151 32.35 -21.84 -17.91
C GLY C 151 32.12 -22.48 -16.57
N THR C 152 31.74 -21.64 -15.60
CA THR C 152 31.42 -22.07 -14.25
C THR C 152 30.07 -22.79 -14.24
N HIS C 153 30.06 -24.06 -13.84
CA HIS C 153 28.85 -24.85 -13.96
C HIS C 153 28.71 -25.80 -12.78
N VAL C 154 27.45 -26.13 -12.47
CA VAL C 154 27.08 -27.10 -11.45
C VAL C 154 26.22 -28.17 -12.11
N ILE C 155 26.57 -29.45 -11.91
CA ILE C 155 25.74 -30.56 -12.37
C ILE C 155 24.84 -31.00 -11.23
N TRP C 156 23.54 -30.94 -11.44
CA TRP C 156 22.54 -31.19 -10.41
C TRP C 156 21.88 -32.54 -10.69
N ASP C 157 21.85 -33.39 -9.67
CA ASP C 157 21.13 -34.65 -9.72
C ASP C 157 19.83 -34.50 -8.96
N ILE C 158 18.72 -34.83 -9.62
CA ILE C 158 17.40 -34.75 -9.00
C ILE C 158 17.19 -35.99 -8.15
N GLY C 159 16.91 -35.79 -6.86
CA GLY C 159 16.72 -36.88 -5.93
C GLY C 159 15.87 -36.50 -4.74
N LEU C 160 16.27 -36.93 -3.55
CA LEU C 160 15.55 -36.57 -2.33
C LEU C 160 15.72 -35.09 -2.00
N GLN C 161 16.93 -34.56 -2.16
CA GLN C 161 17.16 -33.13 -2.06
C GLN C 161 16.64 -32.47 -3.33
N SER C 162 15.52 -31.78 -3.23
CA SER C 162 14.74 -31.38 -4.40
C SER C 162 15.28 -30.14 -5.10
N SER C 163 16.24 -29.42 -4.53
CA SER C 163 16.71 -28.19 -5.12
C SER C 163 18.22 -28.08 -5.00
N CYS C 164 18.80 -27.28 -5.89
CA CYS C 164 20.24 -27.06 -5.93
C CYS C 164 20.53 -25.59 -6.13
N THR C 165 21.65 -25.15 -5.55
CA THR C 165 22.07 -23.76 -5.57
C THR C 165 23.37 -23.63 -6.36
N MET C 166 23.39 -22.74 -7.35
CA MET C 166 24.61 -22.32 -8.01
C MET C 166 25.01 -20.94 -7.50
N VAL C 167 26.25 -20.82 -7.05
CA VAL C 167 26.78 -19.55 -6.58
C VAL C 167 27.54 -18.91 -7.73
N VAL C 168 27.07 -17.75 -8.18
CA VAL C 168 27.75 -16.99 -9.21
C VAL C 168 28.88 -16.20 -8.52
N PRO C 169 30.13 -16.47 -8.85
CA PRO C 169 31.23 -15.79 -8.17
C PRO C 169 31.39 -14.36 -8.65
N TRP C 170 32.02 -13.55 -7.80
CA TRP C 170 32.24 -12.15 -8.14
C TRP C 170 33.48 -12.05 -9.02
N ILE C 171 33.26 -12.14 -10.33
CA ILE C 171 34.29 -11.94 -11.33
C ILE C 171 33.96 -10.63 -12.04
N SER C 172 34.77 -9.60 -11.79
CA SER C 172 34.51 -8.30 -12.36
C SER C 172 35.83 -7.54 -12.52
N ASN C 173 35.89 -6.72 -13.57
CA ASN C 173 37.05 -5.85 -13.78
C ASN C 173 36.98 -4.59 -12.96
N THR C 174 35.82 -4.28 -12.38
CA THR C 174 35.63 -3.10 -11.56
C THR C 174 35.20 -3.50 -10.16
N THR C 175 35.38 -2.58 -9.22
CA THR C 175 35.01 -2.82 -7.83
C THR C 175 33.49 -2.89 -7.68
N TYR C 176 32.76 -2.03 -8.39
CA TYR C 176 31.31 -2.05 -8.41
C TYR C 176 30.82 -2.12 -9.84
N ARG C 177 29.63 -2.67 -10.03
CA ARG C 177 28.98 -2.76 -11.33
C ARG C 177 27.77 -1.85 -11.38
N GLN C 178 27.52 -1.28 -12.55
CA GLN C 178 26.43 -0.32 -12.69
C GLN C 178 25.09 -1.05 -12.81
N THR C 179 24.05 -0.41 -12.27
CA THR C 179 22.72 -1.00 -12.21
C THR C 179 22.07 -1.08 -13.59
N ILE C 180 22.17 -0.03 -14.39
CA ILE C 180 21.56 0.03 -15.71
C ILE C 180 22.30 -0.86 -16.70
N ASN C 181 21.70 -1.08 -17.88
CA ASN C 181 22.22 -2.02 -18.87
C ASN C 181 23.36 -1.41 -19.69
N ASP C 182 24.47 -1.16 -19.01
CA ASP C 182 25.67 -0.66 -19.65
C ASP C 182 26.45 -1.84 -20.23
N SER C 183 27.01 -1.65 -21.42
CA SER C 183 27.85 -2.68 -22.03
C SER C 183 29.16 -2.85 -21.27
N PHE C 184 29.75 -1.74 -20.84
CA PHE C 184 30.84 -1.79 -19.88
C PHE C 184 30.28 -2.23 -18.53
N THR C 185 31.08 -3.06 -17.83
CA THR C 185 30.72 -3.72 -16.56
C THR C 185 29.43 -4.54 -16.68
N GLU C 186 29.30 -5.28 -17.77
CA GLU C 186 28.19 -6.21 -17.91
C GLU C 186 28.46 -7.48 -17.13
N GLY C 187 27.38 -8.19 -16.79
CA GLY C 187 27.46 -9.22 -15.78
C GLY C 187 27.87 -10.59 -16.26
N GLY C 188 27.41 -11.02 -17.42
CA GLY C 188 27.69 -12.37 -17.86
C GLY C 188 26.50 -12.98 -18.55
N TYR C 189 26.43 -14.30 -18.54
CA TYR C 189 25.34 -15.06 -19.13
C TYR C 189 25.07 -16.32 -18.30
N ILE C 190 23.79 -16.59 -18.01
CA ILE C 190 23.38 -17.73 -17.20
C ILE C 190 22.38 -18.56 -17.99
N SER C 191 22.64 -19.86 -18.11
CA SER C 191 21.77 -20.73 -18.89
C SER C 191 21.72 -22.11 -18.26
N MET C 192 20.68 -22.86 -18.60
CA MET C 192 20.46 -24.21 -18.11
C MET C 192 20.27 -25.18 -19.27
N PHE C 193 20.90 -26.35 -19.18
CA PHE C 193 20.90 -27.35 -20.23
C PHE C 193 20.54 -28.71 -19.66
N TYR C 194 20.13 -29.62 -20.54
CA TYR C 194 19.91 -31.00 -20.16
C TYR C 194 21.24 -31.75 -20.14
N GLN C 195 21.59 -32.30 -18.99
CA GLN C 195 22.63 -33.31 -18.89
C GLN C 195 21.93 -34.65 -18.77
N THR C 196 22.13 -35.51 -19.76
CA THR C 196 21.28 -36.69 -20.08
C THR C 196 19.87 -36.13 -20.28
N ARG C 197 18.83 -36.73 -19.69
CA ARG C 197 17.48 -36.20 -19.83
C ARG C 197 16.65 -36.63 -18.63
N VAL C 198 15.47 -36.02 -18.51
CA VAL C 198 14.50 -36.40 -17.50
C VAL C 198 13.69 -37.59 -18.01
N VAL C 199 13.68 -38.67 -17.24
CA VAL C 199 12.98 -39.90 -17.61
C VAL C 199 11.93 -40.20 -16.55
N VAL C 200 10.73 -40.58 -17.01
CA VAL C 200 9.62 -40.94 -16.12
C VAL C 200 9.17 -42.35 -16.48
N PRO C 201 8.55 -43.09 -15.55
CA PRO C 201 7.89 -44.35 -15.92
C PRO C 201 6.50 -44.14 -16.48
N LEU C 202 5.78 -45.23 -16.73
CA LEU C 202 4.40 -45.13 -17.16
C LEU C 202 3.50 -44.69 -16.01
N SER C 203 2.30 -44.21 -16.39
CA SER C 203 1.30 -43.60 -15.49
C SER C 203 1.87 -42.44 -14.68
N THR C 204 2.67 -41.61 -15.34
CA THR C 204 3.35 -40.46 -14.77
C THR C 204 3.22 -39.33 -15.78
N PRO C 205 3.05 -38.08 -15.32
CA PRO C 205 3.04 -36.95 -16.27
C PRO C 205 4.39 -36.74 -16.94
N ARG C 206 4.36 -36.53 -18.25
CA ARG C 206 5.57 -36.37 -19.04
C ARG C 206 6.10 -34.95 -19.07
N LYS C 207 5.35 -33.98 -18.55
CA LYS C 207 5.79 -32.60 -18.48
C LYS C 207 5.79 -32.14 -17.03
N MET C 208 6.89 -31.54 -16.60
CA MET C 208 7.05 -31.10 -15.23
C MET C 208 7.73 -29.74 -15.23
N ASP C 209 7.53 -29.00 -14.15
CA ASP C 209 7.91 -27.59 -14.07
C ASP C 209 9.03 -27.40 -13.07
N ILE C 210 9.83 -26.37 -13.32
CA ILE C 210 10.95 -25.98 -12.45
C ILE C 210 10.71 -24.53 -12.02
N LEU C 211 11.10 -24.21 -10.78
CA LEU C 211 10.97 -22.87 -10.24
C LEU C 211 12.34 -22.38 -9.81
N GLY C 212 12.72 -21.18 -10.24
CA GLY C 212 14.02 -20.61 -9.95
C GLY C 212 13.93 -19.53 -8.88
N PHE C 213 15.00 -19.40 -8.10
CA PHE C 213 15.09 -18.44 -7.00
C PHE C 213 16.38 -17.66 -7.11
N VAL C 214 16.39 -16.43 -6.62
CA VAL C 214 17.57 -15.59 -6.63
C VAL C 214 17.73 -14.91 -5.26
N SER C 215 18.98 -14.83 -4.80
CA SER C 215 19.32 -14.19 -3.53
C SER C 215 20.77 -13.75 -3.60
N ALA C 216 21.14 -12.87 -2.69
CA ALA C 216 22.52 -12.39 -2.57
C ALA C 216 23.26 -13.16 -1.49
N CYS C 217 24.58 -13.08 -1.55
CA CYS C 217 25.43 -13.71 -0.56
C CYS C 217 25.74 -12.73 0.56
N ASN C 218 26.68 -13.11 1.44
CA ASN C 218 27.05 -12.23 2.54
C ASN C 218 28.09 -11.18 2.15
N ASP C 219 28.68 -11.27 0.96
CA ASP C 219 29.63 -10.28 0.49
C ASP C 219 28.99 -9.24 -0.43
N PHE C 220 27.70 -8.99 -0.26
CA PHE C 220 26.94 -8.15 -1.19
C PHE C 220 26.78 -6.74 -0.64
N SER C 221 26.86 -5.75 -1.54
CA SER C 221 26.83 -4.35 -1.15
C SER C 221 26.21 -3.49 -2.23
N VAL C 222 25.67 -2.35 -1.81
CA VAL C 222 25.26 -1.24 -2.67
C VAL C 222 25.81 0.03 -2.03
N ARG C 223 25.95 1.10 -2.84
CA ARG C 223 26.61 2.28 -2.26
C ARG C 223 26.12 3.66 -2.67
N LEU C 224 25.09 3.81 -3.50
CA LEU C 224 24.65 5.17 -3.88
C LEU C 224 23.16 5.15 -4.14
N LEU C 225 22.38 5.78 -3.26
CA LEU C 225 20.93 5.73 -3.32
C LEU C 225 20.39 6.58 -4.48
N ARG C 226 19.34 6.08 -5.13
CA ARG C 226 18.69 6.78 -6.23
C ARG C 226 17.22 6.42 -6.26
N ASP C 227 16.49 7.11 -7.13
CA ASP C 227 15.08 6.86 -7.35
C ASP C 227 14.89 5.71 -8.35
N THR C 228 13.67 5.19 -8.39
CA THR C 228 13.33 4.05 -9.22
C THR C 228 12.50 4.48 -10.43
N THR C 229 12.46 3.60 -11.42
CA THR C 229 11.61 3.75 -12.59
C THR C 229 10.38 2.87 -12.54
N HIS C 230 10.19 2.12 -11.45
CA HIS C 230 9.09 1.17 -11.34
C HIS C 230 7.78 1.81 -10.88
N ILE C 231 7.82 3.02 -10.35
CA ILE C 231 6.63 3.69 -9.86
C ILE C 231 6.45 4.98 -10.63
N SER C 232 5.20 5.42 -10.76
CA SER C 232 4.87 6.62 -11.50
C SER C 232 3.57 7.19 -10.97
N GLN C 233 3.36 8.47 -11.23
CA GLN C 233 2.13 9.14 -10.82
C GLN C 233 1.66 10.04 -11.94
N GLU C 234 0.38 9.94 -12.28
CA GLU C 234 -0.20 10.75 -13.33
C GLU C 234 -0.72 12.07 -12.76
N ALA C 235 -0.86 13.05 -13.66
CA ALA C 235 -1.33 14.43 -13.41
C ALA C 235 -0.55 15.17 -12.32
N GLY D 1 30.22 19.97 26.65
CA GLY D 1 29.81 18.58 26.56
C GLY D 1 29.80 18.07 25.12
N ALA D 2 30.97 18.09 24.49
CA ALA D 2 31.09 17.73 23.10
C ALA D 2 31.33 16.24 22.93
N GLN D 3 30.82 15.70 21.83
CA GLN D 3 31.03 14.31 21.45
C GLN D 3 31.96 14.26 20.25
N VAL D 4 33.10 13.59 20.41
CA VAL D 4 34.07 13.42 19.33
C VAL D 4 34.02 11.97 18.87
N SER D 5 34.04 11.78 17.55
CA SER D 5 33.98 10.46 16.96
C SER D 5 34.64 10.50 15.58
N SER D 6 34.99 9.33 15.08
CA SER D 6 35.71 9.21 13.83
C SER D 6 34.74 9.20 12.66
N GLN D 7 35.13 9.87 11.57
CA GLN D 7 34.36 9.87 10.34
C GLN D 7 34.96 8.88 9.35
N LYS D 8 34.38 8.83 8.16
CA LYS D 8 34.84 7.92 7.12
C LYS D 8 36.18 8.38 6.55
N VAL D 9 37.04 7.42 6.23
CA VAL D 9 38.41 7.69 5.81
C VAL D 9 38.56 7.64 4.29
N GLY D 10 37.45 7.70 3.56
CA GLY D 10 37.49 7.70 2.09
C GLY D 10 38.11 8.93 1.46
N ALA D 11 39.08 8.70 0.57
CA ALA D 11 39.95 9.72 -0.05
C ALA D 11 40.65 10.59 1.00
N HIS D 12 41.10 9.94 2.07
CA HIS D 12 41.76 10.63 3.18
C HIS D 12 42.93 9.81 3.69
N THR D 23 41.03 15.83 9.12
CA THR D 23 41.50 14.89 10.13
C THR D 23 40.58 13.68 10.24
N ILE D 24 40.81 12.88 11.28
CA ILE D 24 40.04 11.66 11.46
C ILE D 24 38.75 11.91 12.25
N ASN D 25 38.73 12.89 13.14
CA ASN D 25 37.64 13.07 14.07
C ASN D 25 36.77 14.28 13.70
N TYR D 26 35.52 14.24 14.16
CA TYR D 26 34.61 15.37 14.02
C TYR D 26 33.84 15.55 15.32
N THR D 27 33.33 16.76 15.53
CA THR D 27 32.76 17.18 16.81
C THR D 27 31.29 17.55 16.62
N THR D 28 30.43 17.01 17.48
CA THR D 28 29.00 17.28 17.46
C THR D 28 28.55 17.68 18.86
N ILE D 29 27.81 18.78 18.96
CA ILE D 29 27.23 19.25 20.21
C ILE D 29 25.72 19.39 20.01
N ASN D 30 24.94 18.76 20.88
CA ASN D 30 23.49 18.92 20.86
C ASN D 30 23.11 20.25 21.51
N TYR D 31 22.37 21.08 20.78
CA TYR D 31 22.03 22.42 21.25
C TYR D 31 20.63 22.53 21.82
N TYR D 32 19.78 21.50 21.66
CA TYR D 32 18.40 21.58 22.10
C TYR D 32 18.13 20.49 23.13
N ARG D 33 17.03 20.66 23.87
CA ARG D 33 16.75 19.77 24.98
C ARG D 33 16.21 18.42 24.52
N ASP D 34 15.25 18.44 23.59
CA ASP D 34 14.59 17.20 23.20
C ASP D 34 15.43 16.39 22.22
N SER D 35 15.23 15.08 22.26
CA SER D 35 16.01 14.16 21.44
C SER D 35 15.56 14.12 19.98
N ALA D 36 14.36 14.62 19.68
CA ALA D 36 13.90 14.70 18.30
C ALA D 36 14.63 15.77 17.50
N SER D 37 15.24 16.73 18.18
CA SER D 37 16.00 17.78 17.54
C SER D 37 17.35 17.33 17.03
N ASN D 38 17.88 16.20 17.52
CA ASN D 38 19.23 15.78 17.23
C ASN D 38 19.36 15.27 15.79
N ALA D 39 20.58 15.32 15.28
CA ALA D 39 20.89 14.81 13.96
C ALA D 39 21.00 13.29 13.99
N ALA D 40 21.04 12.71 12.79
CA ALA D 40 21.18 11.27 12.67
C ALA D 40 22.62 10.86 12.98
N SER D 41 22.78 9.90 13.89
CA SER D 41 24.12 9.49 14.31
C SER D 41 24.80 8.64 13.26
N LYS D 42 24.04 7.74 12.62
CA LYS D 42 24.46 6.85 11.52
C LYS D 42 25.63 5.94 11.91
N GLN D 43 25.69 5.54 13.18
CA GLN D 43 26.75 4.69 13.69
C GLN D 43 26.33 3.22 13.77
N ASP D 44 25.10 2.89 13.39
CA ASP D 44 24.59 1.54 13.57
C ASP D 44 25.11 0.62 12.46
N PHE D 45 25.68 -0.52 12.86
CA PHE D 45 26.04 -1.58 11.93
C PHE D 45 25.66 -2.94 12.52
N ALA D 46 24.53 -3.00 13.20
CA ALA D 46 24.02 -4.28 13.65
C ALA D 46 23.32 -4.99 12.49
N GLN D 47 23.57 -6.29 12.36
CA GLN D 47 22.84 -7.08 11.38
C GLN D 47 22.76 -8.52 11.85
N ASP D 48 21.65 -9.16 11.50
CA ASP D 48 21.40 -10.57 11.74
C ASP D 48 20.36 -11.04 10.73
N PRO D 49 20.78 -11.52 9.55
CA PRO D 49 19.81 -12.00 8.57
C PRO D 49 19.26 -13.39 8.85
N SER D 50 19.73 -14.05 9.91
CA SER D 50 19.35 -15.43 10.20
C SER D 50 17.91 -15.56 10.68
N LYS D 51 17.29 -14.48 11.17
CA LYS D 51 15.88 -14.54 11.52
C LYS D 51 14.98 -14.42 10.30
N PHE D 52 15.52 -14.04 9.14
CA PHE D 52 14.78 -14.08 7.88
C PHE D 52 15.25 -15.19 6.94
N THR D 53 16.55 -15.49 6.92
CA THR D 53 17.08 -16.46 5.98
C THR D 53 17.09 -17.88 6.53
N GLU D 54 17.14 -18.07 7.84
CA GLU D 54 17.03 -19.39 8.46
C GLU D 54 16.07 -19.37 9.64
N PRO D 55 14.75 -19.26 9.39
CA PRO D 55 13.79 -19.16 10.50
C PRO D 55 13.28 -20.53 10.97
N ILE D 56 14.21 -21.44 11.22
CA ILE D 56 13.92 -22.86 11.42
C ILE D 56 14.26 -23.22 12.86
N LYS D 57 13.36 -24.00 13.50
CA LYS D 57 13.55 -24.48 14.86
C LYS D 57 14.81 -25.33 15.01
N ASP D 58 15.08 -26.21 14.05
CA ASP D 58 16.30 -27.01 14.08
C ASP D 58 17.48 -26.21 13.55
N VAL D 59 18.67 -26.62 13.96
CA VAL D 59 19.90 -25.95 13.54
C VAL D 59 20.27 -26.43 12.15
N LEU D 60 20.51 -25.48 11.23
CA LEU D 60 20.86 -25.82 9.86
C LEU D 60 22.37 -25.87 9.70
N ILE D 61 22.85 -26.96 9.12
CA ILE D 61 24.25 -27.15 8.78
C ILE D 61 24.35 -27.24 7.26
N LYS D 62 25.24 -26.44 6.67
CA LYS D 62 25.28 -26.32 5.21
C LYS D 62 25.88 -27.57 4.55
N THR D 63 26.77 -28.28 5.24
CA THR D 63 27.40 -29.45 4.64
C THR D 63 26.50 -30.68 4.73
N ALA D 64 25.64 -30.75 5.73
CA ALA D 64 24.73 -31.87 5.90
C ALA D 64 23.60 -31.80 4.89
N PRO D 65 22.97 -32.93 4.58
CA PRO D 65 21.68 -32.89 3.88
C PRO D 65 20.63 -32.21 4.75
N MET D 66 19.82 -31.35 4.13
CA MET D 66 18.84 -30.59 4.89
C MET D 66 17.67 -31.46 5.34
N LEU D 67 17.28 -32.42 4.51
CA LEU D 67 16.28 -33.42 4.89
C LEU D 67 17.01 -34.73 5.18
N ASN D 68 16.84 -35.23 6.40
CA ASN D 68 17.53 -36.44 6.82
C ASN D 68 16.63 -37.29 7.69
N VAL E 1 -23.20 32.53 -17.88
CA VAL E 1 -23.71 31.20 -18.19
C VAL E 1 -25.09 31.31 -18.82
N GLN E 2 -25.19 30.92 -20.09
CA GLN E 2 -26.44 30.98 -20.84
C GLN E 2 -26.75 29.61 -21.43
N SER E 3 -28.03 29.27 -21.47
CA SER E 3 -28.47 28.00 -22.05
C SER E 3 -29.04 28.25 -23.44
N GLY E 4 -28.96 27.22 -24.29
CA GLY E 4 -29.17 27.42 -25.72
C GLY E 4 -30.64 27.58 -26.10
N ALA E 5 -31.44 26.55 -25.83
CA ALA E 5 -32.83 26.52 -26.30
C ALA E 5 -33.64 25.64 -25.37
N GLU E 6 -34.89 25.37 -25.76
CA GLU E 6 -35.74 24.40 -25.10
C GLU E 6 -36.42 23.59 -26.18
N LEU E 7 -36.36 22.27 -26.07
CA LEU E 7 -36.75 21.36 -27.15
C LEU E 7 -37.71 20.31 -26.65
N LYS E 8 -38.29 19.56 -27.59
CA LYS E 8 -39.09 18.38 -27.29
C LYS E 8 -39.10 17.45 -28.50
N LYS E 9 -38.75 16.17 -28.26
CA LYS E 9 -38.96 15.02 -29.16
C LYS E 9 -38.77 13.71 -28.42
N PRO E 10 -39.64 12.71 -28.62
CA PRO E 10 -39.37 11.38 -28.08
C PRO E 10 -38.28 10.67 -28.88
N GLY E 11 -37.58 9.74 -28.21
CA GLY E 11 -36.73 8.81 -28.92
C GLY E 11 -35.38 9.34 -29.35
N ALA E 12 -35.35 10.36 -30.22
CA ALA E 12 -34.11 10.76 -30.89
C ALA E 12 -33.20 11.57 -29.95
N SER E 13 -31.96 11.77 -30.41
CA SER E 13 -30.95 12.44 -29.60
C SER E 13 -31.17 13.94 -29.52
N VAL E 14 -30.89 14.51 -28.35
CA VAL E 14 -31.07 15.94 -28.07
C VAL E 14 -29.73 16.51 -27.62
N LYS E 15 -29.28 17.56 -28.28
CA LYS E 15 -27.99 18.19 -28.00
C LYS E 15 -28.19 19.47 -27.20
N PHE E 16 -27.39 19.63 -26.16
CA PHE E 16 -27.45 20.78 -25.26
C PHE E 16 -26.27 21.71 -25.54
N SER E 17 -26.47 23.00 -25.26
CA SER E 17 -25.42 23.99 -25.48
C SER E 17 -25.40 24.97 -24.31
N CYS E 18 -24.20 25.22 -23.78
CA CYS E 18 -24.03 26.14 -22.65
C CYS E 18 -22.79 26.99 -22.90
N GLN E 19 -23.00 28.30 -23.06
CA GLN E 19 -21.93 29.25 -23.33
C GLN E 19 -21.65 30.07 -22.08
N ALA E 20 -20.37 30.21 -21.75
CA ALA E 20 -19.92 30.94 -20.56
C ALA E 20 -18.88 31.97 -20.97
N SER E 21 -18.38 32.71 -19.98
CA SER E 21 -17.33 33.68 -20.21
C SER E 21 -16.00 32.99 -20.47
N GLY E 22 -15.10 33.70 -21.16
CA GLY E 22 -13.84 33.11 -21.58
C GLY E 22 -12.85 32.86 -20.46
N PHE E 23 -12.94 33.63 -19.38
CA PHE E 23 -12.10 33.37 -18.21
C PHE E 23 -12.57 32.14 -17.47
N THR E 24 -13.88 32.02 -17.26
CA THR E 24 -14.43 30.89 -16.51
C THR E 24 -14.43 29.59 -17.32
N PHE E 25 -14.35 29.69 -18.64
CA PHE E 25 -14.26 28.50 -19.49
C PHE E 25 -12.92 27.81 -19.32
N THR E 26 -11.84 28.59 -19.25
CA THR E 26 -10.50 28.03 -19.23
C THR E 26 -10.00 27.69 -17.84
N THR E 27 -10.54 28.34 -16.80
CA THR E 27 -10.06 28.16 -15.44
C THR E 27 -10.84 27.12 -14.65
N TYR E 28 -12.17 27.13 -14.75
CA TYR E 28 -13.03 26.36 -13.87
C TYR E 28 -13.74 25.25 -14.63
N ASP E 29 -14.23 24.29 -13.85
CA ASP E 29 -14.99 23.17 -14.39
C ASP E 29 -16.46 23.56 -14.57
N ILE E 30 -17.13 22.91 -15.53
CA ILE E 30 -18.53 23.15 -15.84
C ILE E 30 -19.30 21.86 -15.56
N HIS E 31 -20.37 21.97 -14.76
CA HIS E 31 -21.14 20.83 -14.30
C HIS E 31 -22.54 20.84 -14.88
N TRP E 32 -23.14 19.66 -14.98
CA TRP E 32 -24.51 19.48 -15.48
C TRP E 32 -25.35 18.80 -14.41
N VAL E 33 -26.41 19.46 -13.97
CA VAL E 33 -27.36 18.95 -12.98
C VAL E 33 -28.76 19.04 -13.57
N ARG E 34 -29.51 17.95 -13.52
CA ARG E 34 -30.88 17.96 -14.03
C ARG E 34 -31.87 17.84 -12.88
N GLN E 35 -33.09 18.31 -13.15
CA GLN E 35 -34.14 18.34 -12.12
C GLN E 35 -35.47 17.99 -12.75
N ALA E 36 -35.97 16.79 -12.44
CA ALA E 36 -37.34 16.42 -12.77
C ALA E 36 -38.31 17.22 -11.89
N PRO E 37 -39.56 17.47 -12.38
CA PRO E 37 -40.51 18.28 -11.59
C PRO E 37 -40.97 17.66 -10.26
N GLY E 38 -40.53 18.27 -9.17
CA GLY E 38 -40.84 17.81 -7.83
C GLY E 38 -40.02 16.65 -7.35
N GLN E 39 -39.00 16.22 -8.08
CA GLN E 39 -38.24 15.03 -7.75
C GLN E 39 -36.81 15.32 -7.32
N GLY E 40 -36.44 16.59 -7.15
CA GLY E 40 -35.11 16.92 -6.65
C GLY E 40 -34.06 16.97 -7.74
N LEU E 41 -32.83 17.26 -7.30
CA LEU E 41 -31.70 17.45 -8.20
C LEU E 41 -31.01 16.13 -8.50
N GLU E 42 -30.30 16.10 -9.62
CA GLU E 42 -29.62 14.88 -10.06
C GLU E 42 -28.39 15.28 -10.87
N TRP E 43 -27.22 14.90 -10.37
CA TRP E 43 -25.97 15.22 -11.05
C TRP E 43 -25.79 14.32 -12.27
N MET E 44 -25.32 14.91 -13.37
CA MET E 44 -25.12 14.19 -14.62
C MET E 44 -23.65 13.99 -14.99
N GLY E 45 -22.82 15.01 -14.85
CA GLY E 45 -21.43 14.85 -15.17
C GLY E 45 -20.67 16.16 -15.10
N MET E 46 -19.43 16.11 -15.58
CA MET E 46 -18.49 17.21 -15.50
C MET E 46 -17.68 17.28 -16.80
N ILE E 47 -17.53 18.50 -17.33
CA ILE E 47 -16.57 18.78 -18.40
C ILE E 47 -15.57 19.79 -17.84
N SER E 48 -14.29 19.53 -18.07
CA SER E 48 -13.21 20.42 -17.63
C SER E 48 -12.43 20.86 -18.85
N PRO E 49 -12.69 22.05 -19.40
CA PRO E 49 -12.12 22.43 -20.69
C PRO E 49 -10.63 22.79 -20.66
N SER E 50 -10.01 22.89 -19.49
CA SER E 50 -8.57 23.12 -19.43
C SER E 50 -7.78 21.88 -19.81
N ARG E 51 -8.37 20.69 -19.65
CA ARG E 51 -7.69 19.45 -20.01
C ARG E 51 -8.57 18.47 -20.77
N ASP E 52 -9.83 18.83 -21.05
CA ASP E 52 -10.82 18.05 -21.83
C ASP E 52 -11.10 16.68 -21.21
N SER E 53 -11.06 16.59 -19.89
CA SER E 53 -11.33 15.34 -19.18
C SER E 53 -12.79 15.29 -18.76
N THR E 54 -13.39 14.13 -18.91
CA THR E 54 -14.82 13.95 -18.62
C THR E 54 -15.00 12.93 -17.51
N ILE E 55 -15.93 13.21 -16.60
CA ILE E 55 -16.40 12.26 -15.61
C ILE E 55 -17.91 12.19 -15.73
N TYR E 56 -18.45 10.99 -15.90
CA TYR E 56 -19.89 10.78 -16.01
C TYR E 56 -20.40 9.99 -14.82
N ALA E 57 -21.68 10.19 -14.51
CA ALA E 57 -22.34 9.37 -13.51
C ALA E 57 -22.61 7.97 -14.07
N GLN E 58 -22.77 7.02 -13.16
CA GLN E 58 -22.99 5.62 -13.56
C GLN E 58 -24.39 5.39 -14.12
N LYS E 59 -25.35 6.23 -13.77
CA LYS E 59 -26.66 6.17 -14.40
C LYS E 59 -26.61 6.64 -15.85
N PHE E 60 -25.73 7.60 -16.15
CA PHE E 60 -25.69 8.26 -17.45
C PHE E 60 -24.41 7.99 -18.21
N GLN E 61 -23.72 6.88 -17.94
CA GLN E 61 -22.40 6.67 -18.55
C GLN E 61 -22.50 6.29 -20.03
N GLY E 62 -23.46 5.43 -20.37
CA GLY E 62 -23.57 5.00 -21.76
C GLY E 62 -24.26 5.97 -22.68
N ARG E 63 -25.07 6.88 -22.13
CA ARG E 63 -25.95 7.72 -22.93
C ARG E 63 -25.45 9.14 -23.16
N VAL E 64 -24.58 9.64 -22.31
CA VAL E 64 -24.24 11.06 -22.28
C VAL E 64 -22.80 11.24 -22.73
N THR E 65 -22.58 12.11 -23.73
CA THR E 65 -21.26 12.47 -24.22
C THR E 65 -21.12 13.98 -24.16
N MET E 66 -19.98 14.46 -23.62
CA MET E 66 -19.75 15.88 -23.44
C MET E 66 -18.52 16.32 -24.23
N THR E 67 -18.64 17.45 -24.93
CA THR E 67 -17.58 18.02 -25.73
C THR E 67 -17.34 19.46 -25.31
N SER E 68 -16.29 20.07 -25.86
CA SER E 68 -15.95 21.46 -25.57
C SER E 68 -15.53 22.16 -26.85
N ASP E 69 -15.66 23.48 -26.84
CA ASP E 69 -15.31 24.33 -27.98
C ASP E 69 -14.57 25.55 -27.45
N THR E 70 -13.26 25.61 -27.72
CA THR E 70 -12.45 26.72 -27.25
C THR E 70 -12.64 27.99 -28.07
N SER E 71 -13.14 27.88 -29.30
CA SER E 71 -13.30 29.05 -30.15
C SER E 71 -14.49 29.91 -29.73
N THR E 72 -15.51 29.32 -29.11
CA THR E 72 -16.70 30.05 -28.70
C THR E 72 -16.92 30.06 -27.20
N SER E 73 -16.02 29.43 -26.42
CA SER E 73 -16.11 29.22 -24.97
C SER E 73 -17.42 28.56 -24.58
N THR E 74 -17.79 27.52 -25.31
CA THR E 74 -19.07 26.84 -25.18
C THR E 74 -18.84 25.35 -24.99
N VAL E 75 -19.51 24.77 -24.00
CA VAL E 75 -19.49 23.33 -23.79
C VAL E 75 -20.82 22.75 -24.26
N TYR E 76 -20.79 21.47 -24.63
CA TYR E 76 -21.96 20.79 -25.17
C TYR E 76 -22.18 19.48 -24.45
N MET E 77 -23.44 19.06 -24.39
CA MET E 77 -23.83 17.78 -23.82
C MET E 77 -24.85 17.12 -24.74
N GLU E 78 -24.62 15.86 -25.09
CA GLU E 78 -25.51 15.12 -25.98
C GLU E 78 -25.99 13.86 -25.28
N LEU E 79 -27.31 13.73 -25.17
CA LEU E 79 -27.93 12.49 -24.72
C LEU E 79 -28.28 11.69 -25.97
N THR E 80 -27.66 10.52 -26.13
CA THR E 80 -27.75 9.76 -27.38
C THR E 80 -29.12 9.12 -27.57
N SER E 81 -29.82 8.79 -26.49
CA SER E 81 -31.17 8.26 -26.57
C SER E 81 -31.95 8.73 -25.35
N LEU E 82 -33.21 9.09 -25.56
CA LEU E 82 -34.02 9.67 -24.51
C LEU E 82 -35.26 8.81 -24.24
N ARG E 83 -35.64 8.74 -22.98
CA ARG E 83 -36.83 8.06 -22.52
C ARG E 83 -37.77 9.07 -21.87
N SER E 84 -38.97 8.60 -21.53
CA SER E 84 -40.02 9.48 -21.01
C SER E 84 -39.75 9.98 -19.59
N GLU E 85 -38.88 9.29 -18.85
CA GLU E 85 -38.47 9.76 -17.53
C GLU E 85 -37.52 10.97 -17.61
N ASP E 86 -36.86 11.16 -18.75
CA ASP E 86 -35.91 12.26 -18.96
C ASP E 86 -36.58 13.62 -19.17
N THR E 87 -37.91 13.74 -19.05
CA THR E 87 -38.57 15.04 -19.04
C THR E 87 -38.19 15.78 -17.76
N ALA E 88 -37.31 16.77 -17.88
CA ALA E 88 -36.72 17.43 -16.72
C ALA E 88 -36.22 18.81 -17.11
N LEU E 89 -35.73 19.54 -16.11
CA LEU E 89 -35.11 20.84 -16.30
C LEU E 89 -33.60 20.68 -16.07
N TYR E 90 -32.82 21.02 -17.08
CA TYR E 90 -31.39 20.72 -17.13
C TYR E 90 -30.60 22.01 -16.89
N TYR E 91 -29.81 22.03 -15.82
CA TYR E 91 -29.03 23.21 -15.46
C TYR E 91 -27.59 23.08 -15.93
N CYS E 92 -26.98 24.22 -16.24
CA CYS E 92 -25.56 24.34 -16.51
C CYS E 92 -24.95 25.17 -15.39
N ALA E 93 -23.94 24.63 -14.73
CA ALA E 93 -23.37 25.25 -13.55
C ALA E 93 -21.85 25.34 -13.68
N THR E 94 -21.29 26.40 -13.11
CA THR E 94 -19.85 26.65 -13.12
C THR E 94 -19.33 26.52 -11.69
N ALA E 95 -18.31 25.68 -11.51
CA ALA E 95 -17.74 25.41 -10.20
C ALA E 95 -16.58 26.37 -9.95
N SER E 96 -16.84 27.46 -9.25
CA SER E 96 -15.80 28.46 -8.98
C SER E 96 -15.67 28.83 -7.52
N ARG E 97 -16.48 28.29 -6.62
CA ARG E 97 -16.31 28.52 -5.19
C ARG E 97 -15.43 27.42 -4.62
N PRO E 98 -14.23 27.73 -4.14
CA PRO E 98 -13.30 26.68 -3.73
C PRO E 98 -13.46 26.28 -2.27
N SER E 99 -12.87 25.12 -1.95
CA SER E 99 -12.82 24.62 -0.60
C SER E 99 -11.49 24.99 0.04
N ALA E 100 -11.51 25.15 1.36
CA ALA E 100 -10.27 25.31 2.10
C ALA E 100 -9.51 24.00 2.22
N TRP E 101 -10.21 22.86 2.13
CA TRP E 101 -9.56 21.57 2.25
C TRP E 101 -8.92 21.19 0.92
N VAL E 102 -7.64 20.80 0.99
CA VAL E 102 -6.87 20.48 -0.21
C VAL E 102 -7.31 19.13 -0.73
N PHE E 103 -7.75 19.08 -1.98
CA PHE E 103 -8.14 17.83 -2.61
C PHE E 103 -6.91 17.01 -2.91
N ARG E 104 -6.90 15.78 -2.36
CA ARG E 104 -5.73 14.91 -2.18
C ARG E 104 -4.63 15.69 -1.47
N SER E 105 -3.49 15.90 -2.11
CA SER E 105 -2.47 16.79 -1.54
C SER E 105 -1.92 17.77 -2.56
N LEU E 106 -2.49 17.82 -3.77
CA LEU E 106 -1.94 18.63 -4.85
C LEU E 106 -2.97 19.49 -5.58
N TYR E 107 -4.26 19.36 -5.29
CA TYR E 107 -5.30 19.96 -6.09
C TYR E 107 -6.30 20.70 -5.21
N THR E 108 -7.17 21.48 -5.86
CA THR E 108 -8.18 22.27 -5.19
C THR E 108 -9.57 21.83 -5.64
N TYR E 109 -10.47 21.65 -4.67
CA TYR E 109 -11.85 21.27 -4.94
C TYR E 109 -12.71 22.52 -5.07
N TYR E 110 -13.65 22.49 -6.01
CA TYR E 110 -14.55 23.61 -6.27
C TYR E 110 -16.00 23.18 -6.15
N TYR E 111 -16.81 24.02 -5.50
CA TYR E 111 -18.25 23.83 -5.42
C TYR E 111 -18.94 24.70 -6.47
N MET E 112 -20.17 24.32 -6.82
CA MET E 112 -20.97 25.11 -7.73
C MET E 112 -21.50 26.36 -7.04
N ASP E 113 -21.34 27.51 -7.68
CA ASP E 113 -21.87 28.77 -7.17
C ASP E 113 -22.59 29.61 -8.23
N VAL E 114 -22.31 29.41 -9.51
CA VAL E 114 -22.95 30.16 -10.58
C VAL E 114 -23.78 29.18 -11.41
N TRP E 115 -25.07 29.42 -11.51
CA TRP E 115 -26.02 28.51 -12.14
C TRP E 115 -26.77 29.23 -13.26
N GLY E 116 -26.96 28.53 -14.38
CA GLY E 116 -27.70 29.10 -15.48
C GLY E 116 -29.20 29.03 -15.28
N THR E 117 -29.93 29.63 -16.23
CA THR E 117 -31.39 29.66 -16.14
C THR E 117 -32.02 28.32 -16.50
N GLY E 118 -31.32 27.47 -17.24
CA GLY E 118 -31.76 26.10 -17.44
C GLY E 118 -32.34 25.85 -18.82
N THR E 119 -32.65 24.57 -19.04
CA THR E 119 -33.23 24.08 -20.29
C THR E 119 -34.26 23.03 -19.94
N THR E 120 -35.50 23.22 -20.40
CA THR E 120 -36.57 22.26 -20.18
C THR E 120 -36.75 21.43 -21.45
N VAL E 121 -36.62 20.11 -21.30
CA VAL E 121 -36.81 19.15 -22.39
C VAL E 121 -37.98 18.26 -22.01
N THR E 122 -38.94 18.10 -22.93
CA THR E 122 -40.11 17.26 -22.73
C THR E 122 -40.04 16.05 -23.65
N VAL E 123 -40.18 14.86 -23.07
CA VAL E 123 -40.20 13.63 -23.86
C VAL E 123 -41.61 13.04 -23.80
N SER E 124 -42.44 13.43 -24.76
CA SER E 124 -43.80 12.92 -24.89
C SER E 124 -44.24 13.11 -26.34
N SER E 125 -45.11 12.21 -26.79
CA SER E 125 -45.55 12.19 -28.18
C SER E 125 -46.50 13.34 -28.49
N SER F 1 -28.75 5.17 -3.87
CA SER F 1 -27.43 5.71 -3.58
C SER F 1 -27.52 7.17 -3.19
N ALA F 2 -28.72 7.74 -3.32
CA ALA F 2 -28.94 9.13 -3.00
C ALA F 2 -28.96 9.35 -1.49
N LEU F 3 -28.68 10.59 -1.09
CA LEU F 3 -28.58 10.94 0.32
C LEU F 3 -29.98 11.14 0.91
N THR F 4 -30.10 10.85 2.20
CA THR F 4 -31.41 10.80 2.86
C THR F 4 -31.69 12.10 3.61
N GLN F 5 -32.87 12.67 3.35
CA GLN F 5 -33.39 13.86 4.00
C GLN F 5 -34.85 13.62 4.35
N PRO F 6 -35.36 14.27 5.39
CA PRO F 6 -36.82 14.26 5.61
C PRO F 6 -37.56 15.02 4.53
N ALA F 7 -38.81 14.61 4.29
CA ALA F 7 -39.59 15.17 3.19
C ALA F 7 -40.07 16.57 3.49
N SER F 8 -40.49 16.83 4.74
CA SER F 8 -40.97 18.16 5.10
C SER F 8 -40.65 18.45 6.55
N VAL F 9 -40.24 19.69 6.81
CA VAL F 9 -40.02 20.23 8.15
C VAL F 9 -40.89 21.46 8.27
N SER F 10 -41.60 21.60 9.40
CA SER F 10 -42.49 22.73 9.61
C SER F 10 -42.09 23.49 10.87
N GLY F 11 -42.41 24.78 10.88
CA GLY F 11 -42.12 25.60 12.05
C GLY F 11 -42.73 26.99 12.01
N SER F 12 -43.00 27.54 13.19
CA SER F 12 -43.51 28.90 13.33
C SER F 12 -42.36 29.90 13.15
N PRO F 13 -42.68 31.16 12.82
CA PRO F 13 -41.66 32.21 12.85
C PRO F 13 -41.11 32.46 14.24
N GLY F 14 -39.80 32.68 14.32
CA GLY F 14 -39.11 32.89 15.57
C GLY F 14 -38.52 31.64 16.20
N GLN F 15 -38.91 30.47 15.72
CA GLN F 15 -38.42 29.22 16.28
C GLN F 15 -37.10 28.81 15.65
N SER F 16 -36.46 27.81 16.25
CA SER F 16 -35.21 27.24 15.76
C SER F 16 -35.46 25.83 15.26
N ILE F 17 -35.07 25.56 14.02
CA ILE F 17 -35.34 24.30 13.34
C ILE F 17 -34.02 23.68 12.92
N THR F 18 -34.09 22.40 12.55
CA THR F 18 -32.92 21.66 12.10
C THR F 18 -33.31 20.71 10.99
N ILE F 19 -32.64 20.82 9.85
CA ILE F 19 -32.80 19.90 8.73
C ILE F 19 -31.57 18.99 8.70
N SER F 20 -31.80 17.68 8.76
CA SER F 20 -30.74 16.70 8.90
C SER F 20 -30.50 15.98 7.58
N CYS F 21 -29.23 15.72 7.28
CA CYS F 21 -28.82 15.04 6.04
C CYS F 21 -27.89 13.90 6.41
N THR F 22 -28.36 12.67 6.24
CA THR F 22 -27.61 11.48 6.61
C THR F 22 -27.14 10.77 5.35
N GLY F 23 -25.83 10.60 5.23
CA GLY F 23 -25.26 9.90 4.09
C GLY F 23 -24.70 8.55 4.49
N THR F 24 -23.41 8.34 4.24
CA THR F 24 -22.76 7.08 4.53
C THR F 24 -21.27 7.33 4.73
N ILE F 25 -20.52 6.24 4.83
CA ILE F 25 -19.07 6.30 4.72
C ILE F 25 -18.69 6.40 3.23
N THR F 26 -17.43 6.79 2.97
CA THR F 26 -16.89 7.28 1.68
C THR F 26 -17.64 8.50 1.17
N ASP F 27 -18.16 9.31 2.08
CA ASP F 27 -19.13 10.36 1.83
C ASP F 27 -18.89 11.42 2.88
N ILE F 28 -19.96 12.06 3.35
CA ILE F 28 -20.03 12.96 4.52
C ILE F 28 -19.17 12.49 5.70
N GLY F 29 -19.24 11.20 6.04
CA GLY F 29 -18.46 10.64 7.13
C GLY F 29 -16.97 10.49 6.85
N TYR F 30 -16.51 10.75 5.62
CA TYR F 30 -15.10 10.70 5.27
C TYR F 30 -14.55 12.06 4.87
N TYR F 31 -15.24 12.77 3.98
CA TYR F 31 -14.77 14.05 3.47
C TYR F 31 -15.42 15.20 4.22
N ASN F 32 -14.80 16.38 4.09
CA ASN F 32 -15.35 17.63 4.58
C ASN F 32 -15.90 18.49 3.46
N TYR F 33 -16.21 17.89 2.30
CA TYR F 33 -16.80 18.62 1.18
C TYR F 33 -18.31 18.54 1.18
N VAL F 34 -18.92 18.89 2.31
CA VAL F 34 -20.37 18.85 2.48
C VAL F 34 -20.90 20.27 2.35
N SER F 35 -21.90 20.44 1.51
CA SER F 35 -22.44 21.76 1.21
C SER F 35 -23.95 21.70 1.17
N TRP F 36 -24.57 22.88 1.30
CA TRP F 36 -26.02 23.01 1.30
C TRP F 36 -26.46 24.01 0.25
N TYR F 37 -27.61 23.74 -0.37
CA TYR F 37 -28.15 24.59 -1.42
C TYR F 37 -29.60 24.92 -1.09
N GLN F 38 -30.04 26.10 -1.53
CA GLN F 38 -31.39 26.58 -1.28
C GLN F 38 -32.06 26.93 -2.60
N GLN F 39 -33.30 26.49 -2.77
CA GLN F 39 -34.03 26.72 -4.02
C GLN F 39 -35.44 27.17 -3.71
N HIS F 40 -35.74 28.43 -4.01
CA HIS F 40 -37.09 28.96 -4.06
C HIS F 40 -37.74 28.51 -5.38
N PRO F 41 -39.08 28.51 -5.45
CA PRO F 41 -39.74 28.12 -6.71
C PRO F 41 -39.46 29.06 -7.87
N GLY F 42 -39.10 28.47 -9.01
CA GLY F 42 -38.76 29.21 -10.21
C GLY F 42 -37.31 29.64 -10.31
N LYS F 43 -36.51 29.42 -9.28
CA LYS F 43 -35.16 29.93 -9.22
C LYS F 43 -34.12 28.82 -9.39
N ALA F 44 -32.91 29.23 -9.73
CA ALA F 44 -31.75 28.36 -9.67
C ALA F 44 -31.39 28.09 -8.21
N PRO F 45 -30.74 26.96 -7.92
CA PRO F 45 -30.26 26.73 -6.54
C PRO F 45 -29.13 27.68 -6.15
N LYS F 46 -29.19 28.14 -4.91
CA LYS F 46 -28.26 29.12 -4.38
C LYS F 46 -27.49 28.52 -3.21
N LEU F 47 -26.19 28.69 -3.21
CA LEU F 47 -25.33 28.12 -2.18
C LEU F 47 -25.45 28.91 -0.88
N ILE F 48 -25.74 28.22 0.22
CA ILE F 48 -25.87 28.86 1.52
C ILE F 48 -24.82 28.40 2.51
N ILE F 49 -24.22 27.23 2.32
CA ILE F 49 -23.10 26.70 3.11
C ILE F 49 -22.22 25.95 2.13
N PHE F 50 -20.91 26.23 2.12
CA PHE F 50 -20.01 25.57 1.18
C PHE F 50 -19.08 24.57 1.84
N ASP F 51 -18.35 24.95 2.88
CA ASP F 51 -17.69 23.99 3.75
C ASP F 51 -18.56 23.84 4.99
N VAL F 52 -18.29 22.77 5.75
CA VAL F 52 -19.11 22.13 6.78
C VAL F 52 -19.77 23.09 7.77
N THR F 53 -18.99 24.05 8.28
CA THR F 53 -19.50 25.09 9.16
C THR F 53 -19.41 26.48 8.57
N ASN F 54 -19.08 26.61 7.28
CA ASN F 54 -18.72 27.90 6.69
C ASN F 54 -19.79 28.39 5.73
N ARG F 55 -19.99 29.71 5.71
CA ARG F 55 -20.99 30.38 4.87
C ARG F 55 -20.33 31.21 3.78
N PRO F 56 -20.90 31.27 2.58
CA PRO F 56 -20.46 32.25 1.58
C PRO F 56 -20.88 33.66 1.96
N SER F 57 -20.29 34.63 1.26
CA SER F 57 -20.60 36.03 1.49
C SER F 57 -22.00 36.38 0.98
N GLY F 58 -22.74 37.13 1.79
CA GLY F 58 -24.10 37.49 1.49
C GLY F 58 -25.16 36.60 2.10
N VAL F 59 -24.78 35.42 2.57
CA VAL F 59 -25.72 34.54 3.26
C VAL F 59 -25.88 35.05 4.68
N SER F 60 -27.13 35.12 5.15
CA SER F 60 -27.45 35.63 6.48
C SER F 60 -26.92 34.71 7.57
N ASP F 61 -26.63 35.30 8.73
CA ASP F 61 -25.91 34.61 9.79
C ASP F 61 -26.78 33.64 10.58
N ARG F 62 -28.09 33.59 10.33
CA ARG F 62 -28.95 32.64 11.02
C ARG F 62 -28.81 31.21 10.51
N PHE F 63 -28.21 31.02 9.34
CA PHE F 63 -27.88 29.68 8.87
C PHE F 63 -26.62 29.16 9.57
N SER F 64 -26.63 27.88 9.91
CA SER F 64 -25.47 27.25 10.53
C SER F 64 -25.44 25.79 10.14
N GLY F 65 -24.26 25.19 10.23
CA GLY F 65 -24.07 23.81 9.84
C GLY F 65 -23.14 23.09 10.78
N SER F 66 -23.28 21.77 10.82
CA SER F 66 -22.48 20.92 11.69
C SER F 66 -22.40 19.53 11.07
N LYS F 67 -21.47 18.72 11.59
CA LYS F 67 -21.28 17.36 11.14
C LYS F 67 -20.99 16.46 12.35
N SER F 68 -21.66 15.32 12.41
CA SER F 68 -21.44 14.35 13.49
C SER F 68 -21.48 12.96 12.87
N GLY F 69 -20.30 12.42 12.55
CA GLY F 69 -20.24 11.11 11.91
C GLY F 69 -20.68 11.17 10.46
N ASN F 70 -21.64 10.34 10.10
CA ASN F 70 -22.16 10.26 8.74
C ASN F 70 -23.32 11.21 8.51
N THR F 71 -23.59 12.12 9.44
CA THR F 71 -24.77 12.98 9.40
C THR F 71 -24.34 14.44 9.43
N ALA F 72 -24.86 15.23 8.50
CA ALA F 72 -24.66 16.68 8.49
C ALA F 72 -26.00 17.36 8.69
N SER F 73 -26.01 18.42 9.50
CA SER F 73 -27.23 19.08 9.89
C SER F 73 -27.18 20.57 9.58
N LEU F 74 -28.27 21.09 9.04
CA LEU F 74 -28.44 22.52 8.78
C LEU F 74 -29.45 23.07 9.77
N THR F 75 -29.03 24.08 10.53
CA THR F 75 -29.86 24.65 11.60
C THR F 75 -30.17 26.10 11.27
N ILE F 76 -31.45 26.44 11.23
CA ILE F 76 -31.91 27.81 11.03
C ILE F 76 -32.50 28.30 12.34
N SER F 77 -31.89 29.33 12.92
CA SER F 77 -32.31 29.89 14.20
C SER F 77 -33.00 31.21 13.94
N GLY F 78 -34.22 31.35 14.46
CA GLY F 78 -35.00 32.55 14.17
C GLY F 78 -35.56 32.49 12.76
N LEU F 79 -36.50 31.57 12.56
CA LEU F 79 -37.07 31.33 11.24
C LEU F 79 -37.92 32.50 10.78
N GLN F 80 -37.80 32.84 9.50
CA GLN F 80 -38.60 33.89 8.89
C GLN F 80 -39.38 33.31 7.71
N ALA F 81 -40.32 34.11 7.21
CA ALA F 81 -41.20 33.66 6.13
C ALA F 81 -40.49 33.60 4.78
N GLU F 82 -39.35 34.29 4.63
CA GLU F 82 -38.59 34.26 3.39
C GLU F 82 -37.73 33.01 3.24
N ASP F 83 -37.64 32.17 4.27
CA ASP F 83 -36.88 30.94 4.24
C ASP F 83 -37.69 29.76 3.70
N GLU F 84 -38.93 29.99 3.27
CA GLU F 84 -39.77 28.93 2.75
C GLU F 84 -39.30 28.49 1.37
N GLY F 85 -39.07 27.19 1.22
CA GLY F 85 -38.56 26.65 -0.02
C GLY F 85 -37.92 25.29 0.21
N ASP F 86 -37.12 24.88 -0.77
CA ASP F 86 -36.44 23.59 -0.74
C ASP F 86 -34.99 23.76 -0.32
N TYR F 87 -34.48 22.80 0.45
CA TYR F 87 -33.09 22.77 0.88
C TYR F 87 -32.45 21.45 0.45
N TYR F 88 -31.32 21.54 -0.24
CA TYR F 88 -30.66 20.39 -0.84
C TYR F 88 -29.29 20.17 -0.21
N CYS F 89 -29.00 18.92 0.13
CA CYS F 89 -27.73 18.51 0.69
C CYS F 89 -26.83 17.98 -0.42
N PHE F 90 -25.55 18.29 -0.32
CA PHE F 90 -24.57 17.94 -1.36
C PHE F 90 -23.28 17.51 -0.69
N SER F 91 -22.64 16.50 -1.27
CA SER F 91 -21.36 16.01 -0.76
C SER F 91 -20.61 15.31 -1.89
N HIS F 92 -19.42 14.82 -1.57
CA HIS F 92 -18.52 14.21 -2.52
C HIS F 92 -18.27 12.77 -2.14
N ARG F 93 -18.47 11.85 -3.09
CA ARG F 93 -18.20 10.43 -2.89
C ARG F 93 -16.79 10.12 -3.37
N SER F 94 -16.16 9.10 -2.76
CA SER F 94 -14.74 8.82 -2.95
C SER F 94 -14.38 8.24 -4.30
N ASN F 95 -15.35 7.85 -5.13
CA ASN F 95 -15.09 7.41 -6.49
C ASN F 95 -15.19 8.54 -7.51
N ASN F 96 -14.98 9.80 -7.05
CA ASN F 96 -15.07 11.04 -7.83
C ASN F 96 -16.45 11.23 -8.45
N ILE F 97 -17.49 10.89 -7.69
CA ILE F 97 -18.87 11.09 -8.10
C ILE F 97 -19.51 12.07 -7.13
N ARG F 98 -20.13 13.12 -7.67
CA ARG F 98 -20.81 14.11 -6.87
C ARG F 98 -22.29 13.78 -6.81
N VAL F 99 -22.88 13.84 -5.63
CA VAL F 99 -24.20 13.27 -5.38
C VAL F 99 -25.01 14.21 -4.49
N PHE F 100 -26.28 14.43 -4.84
CA PHE F 100 -27.17 15.32 -4.11
C PHE F 100 -28.03 14.55 -3.11
N GLY F 101 -28.84 15.30 -2.37
CA GLY F 101 -29.83 14.72 -1.48
C GLY F 101 -31.23 14.78 -2.10
N GLY F 102 -32.19 14.24 -1.34
CA GLY F 102 -33.55 14.17 -1.80
C GLY F 102 -34.30 15.49 -1.73
N GLY F 103 -33.87 16.41 -0.88
CA GLY F 103 -34.54 17.69 -0.78
C GLY F 103 -35.59 17.74 0.31
N THR F 104 -35.61 18.84 1.06
CA THR F 104 -36.53 19.03 2.17
C THR F 104 -37.31 20.31 1.94
N LYS F 105 -38.64 20.19 1.85
CA LYS F 105 -39.49 21.36 1.75
C LYS F 105 -39.70 21.95 3.13
N LEU F 106 -39.49 23.26 3.25
CA LEU F 106 -39.68 23.98 4.49
C LEU F 106 -40.95 24.81 4.39
N THR F 107 -41.87 24.60 5.33
CA THR F 107 -43.11 25.34 5.39
C THR F 107 -43.10 26.18 6.66
N VAL F 108 -43.30 27.48 6.52
CA VAL F 108 -43.31 28.40 7.65
C VAL F 108 -44.74 28.57 8.10
N LEU F 109 -45.03 28.17 9.34
CA LEU F 109 -46.39 28.21 9.87
C LEU F 109 -46.72 29.57 10.46
C1 PLM G . 2.41 6.24 9.47
O1 PLM G . 3.32 5.49 9.04
O2 PLM G . 1.18 6.04 9.53
C2 PLM G . 2.93 7.61 9.98
C3 PLM G . 3.80 8.39 8.99
C4 PLM G . 3.49 9.89 8.99
C5 PLM G . 3.48 10.53 10.38
C6 PLM G . 3.31 12.04 10.36
C7 PLM G . 3.55 12.72 11.70
C8 PLM G . 3.11 14.18 11.71
C9 PLM G . 3.12 14.80 13.10
CA PLM G . 2.50 16.18 13.13
CB PLM G . 3.29 17.23 12.35
CC PLM G . 3.25 18.61 13.01
CD PLM G . 3.70 19.76 12.13
CE PLM G . 3.70 21.08 12.89
CF PLM G . 3.58 22.33 12.00
CG PLM G . 3.88 23.63 12.75
#